data_6HKI
#
_entry.id   6HKI
#
_cell.length_a   222.168
_cell.length_b   222.168
_cell.length_c   72.396
_cell.angle_alpha   90.00
_cell.angle_beta   90.00
_cell.angle_gamma   120.00
#
_symmetry.space_group_name_H-M   'P 31 2 1'
#
loop_
_entity.id
_entity.type
_entity.pdbx_description
1 polymer 'Protein O-GlcNAcase'
2 water water
#
_entity_poly.entity_id   1
_entity_poly.type   'polypeptide(L)'
_entity_poly.pdbx_seq_one_letter_code
;MVQKESQATLEERESELSSNPAASAGASLEPPAAPAPGEDNPAGAGGAAVAGAAGGARRFLCGVVEGFYGRPWVMEQRKE
LFRRLQKWELNTYLYAPKDDYKHRMFWREMYSVEEAEQLMTLISAAREYEIEFIYAISPGLDITFSNPKEVSTLKRKLDQ
VSQFGCRSFALLFDDIDHNMCAADKEVFSSFAHAQVSITNEIYQYLGEPETFLFCPTEYCGTFCYPNVSQSPYLRTVGEK
LLPGIEVLWTGPKVVSKEIPVESIEEVSKIIKRAPVIWDNIHANDYDQKRLFLGPYKGRSTELIPRLKGVLTNPNCEFEA
NYVAIHTLATWYKSNMNGVRKDVVMTDSEDSTVSIQIKLENEGSDEDIETDVLYSPQMALKLALTEWLQEFGVPHQYSSR
QVAHSGAKASVVDGTPLVAAPSLNATTVVTTVYQEPIMSQGAALSGEPTTLTKEEEKKQPDEEPMDMVVEKQEETDHKND
NQILSEIVEAKMAEELKPMDTDKESIAESKSPEMSMQEDCISDIAPMQTDEQTNKEQFVPGPNEKPLYTAEPVTLEDLQL
LADLFYLPYEHGPKGAQMLREFQWLRANSSVVSVNCKGKDSAKIAEWRSRAAKFEEMCGLVMGMFTRLSNCANRTILYDM
YSYVWDIKSIMSMVKSFVQWLGCRSHSSAQFLIGDQEPWAFRGGLAGEFQRLLPIDGANDLFFQPPPLTPTSKVYTIRPY
FPKDEASVYKICREMYDDGVGLPFQSQPDLIGDKLVGGLLSLSLDYCFVLEDEDGICGYALGTVDVTPFIKKCKISWIPF
MQEKYTKPNGDKELSEAEKIMLSFHEEQEVLPETFLANFPSLIKMDIHKKVTDPSVAKSMMACLLSSLKANGSRGAFCEV
RPDDKRILEFYSKLGCFEIAKMEGFPKDVVILGRSL
;
_entity_poly.pdbx_strand_id   A,B
#
# COMPACT_ATOMS: atom_id res chain seq x y z
N ARG A 58 41.42 6.42 2.90
CA ARG A 58 41.45 5.52 1.74
C ARG A 58 40.57 4.30 2.02
N ARG A 59 40.52 3.79 3.27
CA ARG A 59 39.48 2.80 3.61
C ARG A 59 38.22 3.56 4.06
N PHE A 60 37.15 3.41 3.28
CA PHE A 60 35.93 4.24 3.37
C PHE A 60 34.73 3.34 3.08
N LEU A 61 33.76 3.34 3.99
CA LEU A 61 32.64 2.39 3.95
C LEU A 61 31.48 3.00 3.17
N CYS A 62 31.31 2.53 1.94
CA CYS A 62 30.17 2.94 1.18
C CYS A 62 29.34 1.73 0.74
N GLY A 63 28.02 1.84 0.96
CA GLY A 63 27.08 0.80 0.56
C GLY A 63 25.71 1.04 1.18
N VAL A 64 25.07 -0.05 1.63
CA VAL A 64 23.70 -0.03 2.08
C VAL A 64 23.63 -0.57 3.52
N VAL A 65 22.80 0.10 4.34
CA VAL A 65 22.33 -0.44 5.62
C VAL A 65 20.87 -0.85 5.46
N GLU A 66 20.60 -2.11 5.81
CA GLU A 66 19.26 -2.60 5.98
C GLU A 66 18.87 -2.31 7.44
N GLY A 67 18.19 -1.18 7.67
CA GLY A 67 18.01 -0.60 9.03
C GLY A 67 16.62 -0.05 9.28
N PHE A 68 15.63 -0.70 8.67
CA PHE A 68 14.29 -0.14 8.60
C PHE A 68 13.28 -0.99 9.39
N TYR A 69 12.32 -0.25 9.95
CA TYR A 69 11.13 -0.81 10.52
C TYR A 69 10.24 -1.39 9.39
N GLY A 70 9.85 -2.66 9.55
CA GLY A 70 9.09 -3.34 8.54
C GLY A 70 9.77 -4.62 8.09
N ARG A 71 9.04 -5.32 7.21
CA ARG A 71 9.30 -6.69 6.80
C ARG A 71 10.64 -6.77 6.09
N PRO A 72 11.58 -7.61 6.57
CA PRO A 72 12.95 -7.59 6.07
C PRO A 72 13.13 -8.21 4.68
N TRP A 73 14.26 -7.85 4.07
CA TRP A 73 14.61 -8.32 2.76
C TRP A 73 14.89 -9.83 2.90
N VAL A 74 14.61 -10.60 1.83
CA VAL A 74 14.81 -12.05 1.79
C VAL A 74 16.22 -12.40 1.27
N MET A 75 16.72 -13.60 1.62
CA MET A 75 18.03 -14.11 1.19
C MET A 75 18.26 -13.81 -0.29
N GLU A 76 17.26 -14.17 -1.10
CA GLU A 76 17.31 -14.06 -2.55
C GLU A 76 17.55 -12.59 -2.98
N GLN A 77 17.02 -11.61 -2.25
CA GLN A 77 17.17 -10.18 -2.58
C GLN A 77 18.53 -9.67 -2.09
N ARG A 78 18.93 -10.17 -0.92
CA ARG A 78 20.18 -9.82 -0.24
C ARG A 78 21.40 -10.24 -1.08
N LYS A 79 21.29 -11.35 -1.83
CA LYS A 79 22.35 -11.79 -2.72
C LYS A 79 22.42 -10.84 -3.93
N GLU A 80 21.27 -10.42 -4.45
CA GLU A 80 21.22 -9.54 -5.62
C GLU A 80 21.68 -8.11 -5.24
N LEU A 81 21.47 -7.69 -4.00
CA LEU A 81 22.00 -6.42 -3.54
C LEU A 81 23.53 -6.48 -3.57
N PHE A 82 24.09 -7.65 -3.24
CA PHE A 82 25.53 -7.83 -3.21
C PHE A 82 26.11 -7.77 -4.62
N ARG A 83 25.46 -8.46 -5.58
CA ARG A 83 25.84 -8.43 -7.04
CA ARG A 83 25.84 -8.42 -7.01
C ARG A 83 25.90 -6.97 -7.52
N ARG A 84 24.87 -6.17 -7.21
CA ARG A 84 24.72 -4.81 -7.70
C ARG A 84 25.69 -3.86 -7.03
N LEU A 85 25.92 -4.06 -5.73
CA LEU A 85 26.90 -3.27 -5.01
C LEU A 85 28.28 -3.42 -5.66
N GLN A 86 28.64 -4.67 -5.96
CA GLN A 86 29.92 -5.00 -6.58
C GLN A 86 29.98 -4.47 -8.02
N LYS A 87 28.98 -4.76 -8.86
CA LYS A 87 28.91 -4.13 -10.17
C LYS A 87 29.24 -2.63 -10.06
N TRP A 88 28.65 -1.93 -9.11
CA TRP A 88 28.80 -0.48 -9.05
C TRP A 88 30.01 -0.07 -8.19
N GLU A 89 30.83 -1.04 -7.77
CA GLU A 89 32.09 -0.86 -7.01
C GLU A 89 31.87 -0.22 -5.62
N LEU A 90 30.84 -0.65 -4.90
CA LEU A 90 30.68 -0.30 -3.49
C LEU A 90 31.09 -1.52 -2.66
N ASN A 91 31.31 -1.32 -1.36
CA ASN A 91 32.09 -2.25 -0.56
C ASN A 91 31.42 -2.75 0.75
N THR A 92 30.28 -2.19 1.21
CA THR A 92 29.82 -2.49 2.57
C THR A 92 28.31 -2.72 2.67
N TYR A 93 27.96 -3.59 3.61
CA TYR A 93 26.59 -3.93 3.94
C TYR A 93 26.45 -4.08 5.46
N LEU A 94 25.40 -3.47 6.02
CA LEU A 94 25.19 -3.41 7.46
C LEU A 94 23.84 -4.03 7.77
N TYR A 95 23.87 -5.16 8.51
CA TYR A 95 22.69 -5.97 8.83
C TYR A 95 22.03 -5.44 10.11
N ALA A 96 20.98 -4.61 9.98
CA ALA A 96 20.31 -3.96 11.14
C ALA A 96 18.78 -3.85 10.98
N PRO A 97 18.16 -4.90 10.41
CA PRO A 97 16.72 -4.89 10.18
C PRO A 97 15.96 -4.82 11.51
N LYS A 98 15.02 -3.89 11.66
CA LYS A 98 14.49 -3.60 13.00
C LYS A 98 13.50 -4.70 13.40
N ASP A 99 12.99 -5.43 12.40
CA ASP A 99 11.94 -6.43 12.63
C ASP A 99 12.53 -7.82 12.97
N ASP A 100 13.86 -8.04 12.92
CA ASP A 100 14.39 -9.40 13.21
C ASP A 100 14.39 -9.55 14.72
N TYR A 101 13.57 -10.48 15.23
CA TYR A 101 13.34 -10.47 16.65
C TYR A 101 14.65 -10.68 17.40
N LYS A 102 15.60 -11.39 16.78
CA LYS A 102 16.85 -11.73 17.46
C LYS A 102 17.88 -10.61 17.26
N HIS A 103 17.52 -9.54 16.53
CA HIS A 103 18.39 -8.35 16.33
C HIS A 103 18.22 -7.27 17.42
N ARG A 104 16.97 -7.07 17.89
CA ARG A 104 16.60 -5.97 18.76
C ARG A 104 15.76 -6.48 19.94
N MET A 105 14.52 -6.92 19.67
CA MET A 105 13.56 -7.02 20.75
C MET A 105 13.98 -8.12 21.75
N PHE A 106 14.51 -9.22 21.20
CA PHE A 106 14.85 -10.41 21.96
C PHE A 106 16.31 -10.78 21.69
N TRP A 107 17.16 -9.75 21.71
CA TRP A 107 18.56 -9.84 21.33
C TRP A 107 19.33 -10.94 22.06
N ARG A 108 18.77 -11.49 23.14
CA ARG A 108 19.59 -12.37 23.93
C ARG A 108 19.34 -13.84 23.57
N GLU A 109 18.49 -14.09 22.55
CA GLU A 109 18.26 -15.48 22.05
C GLU A 109 19.31 -15.83 20.99
N MET A 110 19.88 -17.03 21.09
CA MET A 110 20.82 -17.57 20.11
C MET A 110 20.04 -17.93 18.85
N TYR A 111 20.71 -17.82 17.70
CA TYR A 111 20.10 -18.18 16.44
C TYR A 111 19.93 -19.69 16.44
N SER A 112 18.81 -20.19 15.90
CA SER A 112 18.56 -21.62 15.72
C SER A 112 19.43 -22.13 14.57
N VAL A 113 19.39 -23.44 14.33
CA VAL A 113 20.30 -24.01 13.32
C VAL A 113 19.81 -23.63 11.92
N GLU A 114 18.49 -23.64 11.70
CA GLU A 114 17.96 -23.18 10.42
C GLU A 114 18.40 -21.73 10.15
N GLU A 115 18.52 -20.91 11.21
CA GLU A 115 18.81 -19.48 11.05
C GLU A 115 20.32 -19.29 10.87
N ALA A 116 21.08 -20.10 11.61
CA ALA A 116 22.53 -20.10 11.60
C ALA A 116 23.00 -20.49 10.20
N GLU A 117 22.33 -21.50 9.66
CA GLU A 117 22.57 -22.02 8.34
C GLU A 117 22.44 -20.86 7.32
N GLN A 118 21.35 -20.09 7.43
CA GLN A 118 21.04 -19.08 6.43
C GLN A 118 21.98 -17.88 6.56
N LEU A 119 22.34 -17.50 7.79
CA LEU A 119 23.24 -16.36 7.99
C LEU A 119 24.67 -16.71 7.57
N MET A 120 25.04 -18.00 7.55
CA MET A 120 26.39 -18.46 7.07
C MET A 120 26.44 -18.32 5.54
N THR A 121 25.32 -18.68 4.92
CA THR A 121 25.14 -18.59 3.48
C THR A 121 25.19 -17.16 2.95
N LEU A 122 24.57 -16.24 3.70
CA LEU A 122 24.57 -14.83 3.39
C LEU A 122 25.98 -14.26 3.52
N ILE A 123 26.65 -14.60 4.63
CA ILE A 123 28.00 -14.14 4.89
C ILE A 123 28.93 -14.66 3.78
N SER A 124 28.70 -15.91 3.34
CA SER A 124 29.49 -16.52 2.26
C SER A 124 29.28 -15.78 0.95
N ALA A 125 28.01 -15.62 0.58
CA ALA A 125 27.63 -14.69 -0.47
C ALA A 125 28.46 -13.39 -0.42
N ALA A 126 28.44 -12.66 0.70
CA ALA A 126 29.10 -11.32 0.75
C ALA A 126 30.59 -11.43 0.40
N ARG A 127 31.21 -12.53 0.88
CA ARG A 127 32.61 -12.89 0.64
C ARG A 127 32.84 -13.04 -0.87
N GLU A 128 31.90 -13.75 -1.51
CA GLU A 128 31.94 -14.10 -2.92
C GLU A 128 31.85 -12.84 -3.79
N TYR A 129 31.20 -11.77 -3.30
CA TYR A 129 30.98 -10.57 -4.10
C TYR A 129 31.80 -9.41 -3.53
N GLU A 130 32.71 -9.73 -2.61
CA GLU A 130 33.69 -8.78 -2.14
C GLU A 130 32.97 -7.63 -1.42
N ILE A 131 32.15 -7.98 -0.42
CA ILE A 131 31.43 -7.01 0.39
C ILE A 131 31.71 -7.23 1.89
N GLU A 132 32.14 -6.16 2.58
CA GLU A 132 32.19 -6.09 4.04
C GLU A 132 30.78 -6.33 4.57
N PHE A 133 30.62 -7.39 5.37
CA PHE A 133 29.37 -7.67 6.07
C PHE A 133 29.51 -7.28 7.53
N ILE A 134 28.57 -6.46 8.04
CA ILE A 134 28.62 -6.00 9.44
C ILE A 134 27.31 -6.38 10.18
N TYR A 135 27.47 -7.22 11.22
CA TYR A 135 26.37 -7.65 12.04
C TYR A 135 26.19 -6.66 13.19
N ALA A 136 25.04 -5.99 13.20
CA ALA A 136 24.67 -5.03 14.24
C ALA A 136 23.82 -5.76 15.29
N ILE A 137 23.83 -5.28 16.54
CA ILE A 137 22.86 -5.74 17.53
C ILE A 137 22.36 -4.55 18.37
N SER A 138 21.08 -4.59 18.76
CA SER A 138 20.37 -3.48 19.46
C SER A 138 19.82 -3.94 20.82
N PRO A 139 20.61 -3.94 21.91
CA PRO A 139 20.08 -4.41 23.20
C PRO A 139 19.48 -3.31 24.10
N GLY A 140 19.12 -2.15 23.53
CA GLY A 140 18.83 -0.96 24.35
C GLY A 140 17.44 -0.93 24.98
N LEU A 141 16.52 -1.78 24.53
CA LEU A 141 15.18 -1.66 25.04
C LEU A 141 15.10 -2.17 26.49
N ASP A 142 15.74 -3.31 26.82
CA ASP A 142 15.53 -4.07 28.09
C ASP A 142 16.87 -4.52 28.73
N ILE A 143 17.99 -3.94 28.27
CA ILE A 143 19.29 -4.30 28.84
C ILE A 143 19.38 -3.71 30.23
N THR A 144 20.14 -4.39 31.09
CA THR A 144 20.51 -3.93 32.42
C THR A 144 22.03 -3.82 32.45
N PHE A 145 22.56 -2.64 32.14
CA PHE A 145 24.00 -2.41 31.89
C PHE A 145 24.92 -2.92 33.03
N SER A 146 24.58 -2.62 34.28
CA SER A 146 25.41 -2.92 35.43
C SER A 146 25.60 -4.43 35.66
N ASN A 147 24.68 -5.27 35.17
CA ASN A 147 24.66 -6.68 35.56
C ASN A 147 25.53 -7.53 34.62
N PRO A 148 26.52 -8.31 35.10
CA PRO A 148 27.46 -8.99 34.21
C PRO A 148 26.96 -10.20 33.40
N LYS A 149 25.88 -10.84 33.85
CA LYS A 149 25.28 -11.97 33.11
C LYS A 149 24.83 -11.44 31.74
N GLU A 150 24.58 -10.12 31.73
CA GLU A 150 23.95 -9.38 30.65
C GLU A 150 25.01 -9.10 29.59
N VAL A 151 26.21 -8.73 30.03
CA VAL A 151 27.33 -8.51 29.15
C VAL A 151 27.88 -9.85 28.61
N SER A 152 28.00 -10.87 29.48
CA SER A 152 28.22 -12.27 29.08
C SER A 152 27.38 -12.61 27.85
N THR A 153 26.05 -12.47 27.99
CA THR A 153 25.10 -12.83 26.93
C THR A 153 25.36 -12.07 25.64
N LEU A 154 25.66 -10.78 25.76
CA LEU A 154 25.95 -9.98 24.60
C LEU A 154 27.15 -10.58 23.88
N LYS A 155 28.19 -10.90 24.67
CA LYS A 155 29.40 -11.54 24.15
C LYS A 155 29.05 -12.88 23.49
N ARG A 156 28.30 -13.76 24.17
CA ARG A 156 28.09 -15.13 23.66
C ARG A 156 27.34 -15.06 22.32
N LYS A 157 26.44 -14.08 22.19
CA LYS A 157 25.61 -13.93 20.98
C LYS A 157 26.48 -13.47 19.81
N LEU A 158 27.46 -12.59 20.08
CA LEU A 158 28.37 -12.09 19.04
C LEU A 158 29.39 -13.18 18.66
N ASP A 159 29.70 -14.08 19.61
CA ASP A 159 30.54 -15.25 19.37
C ASP A 159 29.79 -16.22 18.46
N GLN A 160 28.48 -16.39 18.71
CA GLN A 160 27.69 -17.25 17.84
C GLN A 160 27.80 -16.73 16.40
N VAL A 161 27.73 -15.40 16.21
CA VAL A 161 27.68 -14.83 14.86
C VAL A 161 29.08 -14.83 14.26
N SER A 162 30.10 -14.78 15.13
CA SER A 162 31.52 -14.74 14.70
C SER A 162 31.93 -16.10 14.08
N GLN A 163 31.31 -17.19 14.57
CA GLN A 163 31.52 -18.53 14.05
C GLN A 163 30.82 -18.74 12.69
N PHE A 164 29.80 -17.96 12.37
CA PHE A 164 29.19 -18.02 11.03
C PHE A 164 30.12 -17.38 9.98
N GLY A 165 31.19 -16.76 10.48
CA GLY A 165 32.25 -16.21 9.70
C GLY A 165 32.15 -14.70 9.55
N CYS A 166 31.54 -14.01 10.51
CA CYS A 166 31.46 -12.57 10.48
C CYS A 166 32.74 -11.98 11.08
N ARG A 167 33.28 -10.98 10.39
CA ARG A 167 34.56 -10.36 10.75
C ARG A 167 34.33 -9.04 11.52
N SER A 168 33.26 -8.32 11.14
CA SER A 168 32.96 -6.92 11.56
C SER A 168 31.58 -6.82 12.26
N PHE A 169 31.46 -5.84 13.18
CA PHE A 169 30.32 -5.77 14.15
C PHE A 169 29.85 -4.32 14.44
N ALA A 170 28.61 -4.18 14.91
CA ALA A 170 28.07 -2.90 15.38
C ALA A 170 27.15 -3.05 16.61
N LEU A 171 27.21 -2.06 17.52
CA LEU A 171 26.22 -1.87 18.56
C LEU A 171 25.38 -0.63 18.27
N LEU A 172 24.05 -0.76 18.38
CA LEU A 172 23.11 0.30 18.09
C LEU A 172 22.29 0.69 19.34
N PHE A 173 22.28 1.99 19.66
CA PHE A 173 21.43 2.50 20.76
C PHE A 173 20.48 3.61 20.25
N ASP A 174 19.87 3.39 19.08
CA ASP A 174 19.02 4.38 18.45
C ASP A 174 17.53 4.12 18.75
N ASP A 175 16.76 5.21 18.73
CA ASP A 175 15.30 5.16 18.80
C ASP A 175 14.85 4.52 20.13
N ILE A 176 15.50 4.92 21.24
CA ILE A 176 15.15 4.53 22.63
C ILE A 176 15.18 5.77 23.52
N ASP A 177 14.77 5.65 24.78
CA ASP A 177 14.73 6.84 25.64
C ASP A 177 15.96 6.86 26.54
N HIS A 178 16.19 8.03 27.15
CA HIS A 178 17.39 8.27 27.92
C HIS A 178 17.34 7.57 29.30
N ASN A 179 16.26 6.85 29.63
CA ASN A 179 15.87 6.51 31.03
C ASN A 179 16.46 5.19 31.52
N MET A 180 17.50 5.26 32.35
CA MET A 180 18.11 4.06 32.84
C MET A 180 17.30 3.50 34.03
N CYS A 181 17.63 2.25 34.43
CA CYS A 181 17.07 1.64 35.62
C CYS A 181 17.92 1.97 36.85
N ALA A 182 17.38 1.72 38.04
CA ALA A 182 17.91 2.27 39.30
C ALA A 182 19.30 1.69 39.57
N ALA A 183 19.44 0.37 39.39
CA ALA A 183 20.69 -0.36 39.60
C ALA A 183 21.84 0.27 38.82
N ASP A 184 21.55 0.67 37.58
CA ASP A 184 22.48 1.27 36.66
C ASP A 184 22.83 2.69 37.12
N LYS A 185 21.82 3.48 37.51
CA LYS A 185 22.07 4.84 38.03
C LYS A 185 22.97 4.83 39.28
N GLU A 186 23.05 3.69 39.98
CA GLU A 186 23.86 3.51 41.18
C GLU A 186 25.35 3.30 40.84
N VAL A 187 25.62 3.10 39.53
CA VAL A 187 26.91 2.63 39.01
C VAL A 187 27.49 3.61 37.96
N PHE A 188 26.74 3.91 36.90
CA PHE A 188 27.30 4.76 35.83
C PHE A 188 26.86 6.23 36.02
N SER A 189 27.80 7.12 35.67
CA SER A 189 27.62 8.54 35.85
C SER A 189 26.46 9.04 34.98
N SER A 190 26.07 8.33 33.91
CA SER A 190 25.19 8.86 32.84
C SER A 190 24.82 7.77 31.83
N PHE A 191 23.81 8.02 30.99
CA PHE A 191 23.40 7.06 29.92
C PHE A 191 24.56 6.81 28.97
N ALA A 192 25.23 7.88 28.55
CA ALA A 192 26.41 7.71 27.70
C ALA A 192 27.39 6.77 28.40
N HIS A 193 27.74 7.09 29.64
CA HIS A 193 28.74 6.37 30.40
C HIS A 193 28.48 4.85 30.36
N ALA A 194 27.21 4.45 30.44
CA ALA A 194 26.80 3.03 30.45
C ALA A 194 26.96 2.41 29.04
N GLN A 195 26.33 3.05 28.04
CA GLN A 195 26.44 2.72 26.62
C GLN A 195 27.91 2.56 26.21
N VAL A 196 28.76 3.43 26.76
CA VAL A 196 30.16 3.46 26.40
C VAL A 196 30.91 2.34 27.14
N SER A 197 30.64 2.17 28.44
CA SER A 197 31.36 1.15 29.23
C SER A 197 31.32 -0.23 28.55
N ILE A 198 30.10 -0.57 28.13
CA ILE A 198 29.79 -1.88 27.62
C ILE A 198 30.30 -2.02 26.17
N THR A 199 30.17 -0.97 25.36
CA THR A 199 30.58 -1.01 23.95
C THR A 199 32.09 -1.24 23.89
N ASN A 200 32.86 -0.42 24.63
CA ASN A 200 34.33 -0.57 24.75
C ASN A 200 34.66 -1.99 25.16
N GLU A 201 33.91 -2.55 26.10
CA GLU A 201 34.25 -3.84 26.69
C GLU A 201 34.04 -4.98 25.67
N ILE A 202 33.05 -4.83 24.79
CA ILE A 202 32.70 -5.84 23.77
C ILE A 202 33.71 -5.76 22.62
N TYR A 203 33.92 -4.54 22.12
CA TYR A 203 34.88 -4.20 21.07
C TYR A 203 36.26 -4.79 21.37
N GLN A 204 36.67 -4.68 22.64
CA GLN A 204 37.92 -5.20 23.08
C GLN A 204 37.83 -6.73 23.10
N TYR A 205 36.78 -7.25 23.75
CA TYR A 205 36.61 -8.67 23.88
C TYR A 205 36.76 -9.37 22.54
N LEU A 206 36.33 -8.70 21.46
CA LEU A 206 36.35 -9.28 20.10
C LEU A 206 37.71 -9.08 19.38
N GLY A 207 38.73 -8.54 20.08
CA GLY A 207 40.06 -8.28 19.51
C GLY A 207 40.09 -7.07 18.57
N GLU A 208 39.46 -5.99 19.05
CA GLU A 208 39.48 -4.69 18.42
C GLU A 208 39.34 -4.78 16.90
N PRO A 209 38.29 -5.44 16.37
CA PRO A 209 38.13 -5.62 14.92
C PRO A 209 38.44 -4.39 14.04
N GLU A 210 38.82 -4.67 12.79
CA GLU A 210 39.09 -3.67 11.78
C GLU A 210 37.96 -2.65 11.85
N THR A 211 36.75 -3.18 11.63
CA THR A 211 35.51 -2.44 11.48
C THR A 211 34.59 -2.71 12.68
N PHE A 212 34.34 -1.67 13.50
CA PHE A 212 33.36 -1.73 14.59
C PHE A 212 32.59 -0.40 14.68
N LEU A 213 31.25 -0.49 14.64
CA LEU A 213 30.39 0.71 14.58
C LEU A 213 29.57 0.86 15.88
N PHE A 214 29.28 2.12 16.22
CA PHE A 214 28.45 2.54 17.36
C PHE A 214 27.45 3.55 16.82
N CYS A 215 26.15 3.26 16.98
CA CYS A 215 25.12 4.25 16.72
C CYS A 215 24.63 4.87 18.02
N PRO A 216 24.89 6.17 18.21
CA PRO A 216 24.48 6.89 19.42
C PRO A 216 22.97 7.15 19.47
N THR A 217 22.46 7.48 20.65
CA THR A 217 21.03 7.66 20.85
C THR A 217 20.59 9.01 20.29
N GLU A 218 21.47 10.00 20.49
CA GLU A 218 21.47 11.34 19.85
C GLU A 218 22.30 11.25 18.57
N TYR A 219 21.61 10.85 17.49
CA TYR A 219 22.24 10.50 16.26
C TYR A 219 21.94 11.53 15.15
N CYS A 220 21.47 12.72 15.55
CA CYS A 220 21.32 13.85 14.64
C CYS A 220 21.15 15.15 15.44
N GLY A 221 20.94 16.24 14.72
CA GLY A 221 21.01 17.56 15.31
C GLY A 221 19.84 17.81 16.24
N THR A 222 18.64 17.62 15.70
CA THR A 222 17.40 17.72 16.43
C THR A 222 17.45 16.88 17.72
N PHE A 223 18.05 15.69 17.67
CA PHE A 223 17.96 14.74 18.79
C PHE A 223 18.91 15.08 19.93
N CYS A 224 19.90 15.95 19.66
CA CYS A 224 20.89 16.37 20.66
C CYS A 224 20.22 17.27 21.68
N TYR A 225 20.73 17.28 22.90
CA TYR A 225 20.24 18.17 23.92
C TYR A 225 21.40 18.63 24.80
N PRO A 226 21.60 19.97 24.88
CA PRO A 226 20.71 20.99 24.31
C PRO A 226 20.88 21.35 22.82
N ASN A 227 21.90 20.77 22.18
CA ASN A 227 22.38 21.09 20.84
C ASN A 227 23.76 20.41 20.66
N VAL A 228 24.19 20.29 19.41
CA VAL A 228 25.27 19.39 19.06
C VAL A 228 26.54 19.77 19.83
N SER A 229 26.83 21.07 19.85
CA SER A 229 28.14 21.59 20.20
C SER A 229 28.41 21.36 21.69
N GLN A 230 27.35 21.44 22.51
CA GLN A 230 27.46 21.39 23.99
C GLN A 230 26.50 20.34 24.60
N SER A 231 26.21 19.25 23.88
CA SER A 231 25.54 18.12 24.48
C SER A 231 26.49 17.46 25.46
N PRO A 232 26.04 17.09 26.68
CA PRO A 232 26.85 16.29 27.59
C PRO A 232 26.86 14.79 27.27
N TYR A 233 25.83 14.32 26.54
CA TYR A 233 25.75 12.98 26.02
C TYR A 233 26.88 12.79 25.01
N LEU A 234 26.90 13.65 23.98
CA LEU A 234 27.84 13.49 22.88
C LEU A 234 29.25 13.82 23.36
N ARG A 235 29.38 14.69 24.37
CA ARG A 235 30.72 15.04 24.90
C ARG A 235 31.39 13.77 25.39
N THR A 236 30.62 12.94 26.10
CA THR A 236 31.10 11.74 26.78
C THR A 236 31.43 10.63 25.77
N VAL A 237 30.60 10.49 24.72
CA VAL A 237 30.87 9.54 23.64
C VAL A 237 32.25 9.85 23.08
N GLY A 238 32.47 11.13 22.78
CA GLY A 238 33.72 11.65 22.22
C GLY A 238 34.92 11.32 23.09
N GLU A 239 34.84 11.73 24.37
CA GLU A 239 35.93 11.57 25.36
C GLU A 239 36.21 10.07 25.58
N LYS A 240 35.18 9.23 25.74
CA LYS A 240 35.38 7.90 26.34
C LYS A 240 35.16 6.73 25.36
N LEU A 241 34.51 6.95 24.21
CA LEU A 241 34.34 5.85 23.24
C LEU A 241 35.69 5.64 22.60
N LEU A 242 36.25 4.44 22.80
CA LEU A 242 37.57 4.10 22.29
C LEU A 242 37.76 4.61 20.86
N PRO A 243 38.95 5.18 20.55
CA PRO A 243 39.16 5.86 19.28
C PRO A 243 38.99 4.95 18.06
N GLY A 244 39.26 3.65 18.26
CA GLY A 244 39.21 2.62 17.21
C GLY A 244 37.84 2.47 16.58
N ILE A 245 36.79 2.87 17.31
CA ILE A 245 35.40 2.63 16.95
C ILE A 245 34.87 3.84 16.15
N GLU A 246 34.07 3.54 15.12
CA GLU A 246 33.43 4.54 14.26
C GLU A 246 32.05 4.84 14.81
N VAL A 247 31.53 6.04 14.51
CA VAL A 247 30.25 6.48 15.07
C VAL A 247 29.30 6.85 13.93
N LEU A 248 28.06 6.39 14.05
CA LEU A 248 27.05 6.67 13.04
C LEU A 248 26.38 8.01 13.35
N TRP A 249 25.65 8.55 12.35
CA TRP A 249 25.15 9.96 12.30
C TRP A 249 24.32 10.18 11.02
N THR A 250 23.12 10.75 11.16
CA THR A 250 22.13 10.84 10.04
C THR A 250 22.02 12.26 9.45
N GLY A 251 22.82 13.19 10.02
CA GLY A 251 22.90 14.62 9.64
C GLY A 251 22.26 15.55 10.67
N PRO A 252 21.77 16.76 10.30
CA PRO A 252 21.03 17.61 11.24
C PRO A 252 19.58 17.22 11.57
N LYS A 253 18.92 16.41 10.71
CA LYS A 253 17.59 15.78 11.04
C LYS A 253 17.67 14.26 10.85
N VAL A 254 16.58 13.57 11.13
CA VAL A 254 16.57 12.13 10.87
C VAL A 254 16.76 11.94 9.36
N VAL A 255 15.80 12.49 8.62
CA VAL A 255 15.86 12.62 7.17
C VAL A 255 16.45 13.99 6.84
N SER A 256 17.78 14.10 6.75
CA SER A 256 18.48 15.37 6.51
C SER A 256 18.27 15.80 5.06
N LYS A 257 17.66 16.99 4.83
CA LYS A 257 17.37 17.45 3.47
C LYS A 257 18.70 17.65 2.72
N GLU A 258 19.63 18.31 3.42
CA GLU A 258 21.01 18.43 3.00
C GLU A 258 21.93 18.37 4.23
N ILE A 259 23.20 18.08 3.98
CA ILE A 259 24.19 17.87 5.04
C ILE A 259 25.30 18.87 4.77
N PRO A 260 25.20 20.06 5.38
CA PRO A 260 26.25 21.06 5.27
C PRO A 260 27.59 20.62 5.88
N VAL A 261 28.67 21.15 5.30
CA VAL A 261 30.01 20.82 5.66
C VAL A 261 30.36 21.31 7.08
N GLU A 262 29.87 22.46 7.51
CA GLU A 262 30.23 22.90 8.87
C GLU A 262 29.51 22.00 9.88
N SER A 263 28.32 21.50 9.51
CA SER A 263 27.51 20.67 10.41
C SER A 263 28.33 19.44 10.82
N ILE A 264 29.09 18.94 9.83
CA ILE A 264 29.93 17.81 10.00
C ILE A 264 31.17 18.25 10.78
N GLU A 265 31.71 19.45 10.50
CA GLU A 265 32.89 19.92 11.24
C GLU A 265 32.55 19.99 12.72
N GLU A 266 31.31 20.40 13.04
CA GLU A 266 30.91 20.66 14.41
C GLU A 266 30.75 19.33 15.16
N VAL A 267 29.96 18.39 14.61
CA VAL A 267 29.78 17.06 15.25
C VAL A 267 31.14 16.34 15.31
N SER A 268 31.88 16.33 14.18
CA SER A 268 33.22 15.75 14.10
C SER A 268 34.03 16.13 15.34
N LYS A 269 33.84 17.37 15.83
CA LYS A 269 34.67 17.95 16.89
C LYS A 269 34.34 17.33 18.26
N ILE A 270 33.05 17.18 18.57
CA ILE A 270 32.64 16.79 19.92
C ILE A 270 32.79 15.28 20.12
N ILE A 271 32.62 14.48 19.05
CA ILE A 271 32.80 13.01 19.08
C ILE A 271 34.27 12.67 18.78
N LYS A 272 35.06 13.68 18.34
CA LYS A 272 36.52 13.64 18.25
C LYS A 272 36.99 12.62 17.20
N ARG A 273 36.25 12.55 16.08
CA ARG A 273 36.47 11.58 14.98
C ARG A 273 35.58 11.98 13.79
N ALA A 274 35.80 11.39 12.62
CA ALA A 274 34.84 11.54 11.54
C ALA A 274 33.80 10.43 11.63
N PRO A 275 32.51 10.79 11.44
CA PRO A 275 31.42 9.81 11.42
C PRO A 275 31.22 9.09 10.08
N VAL A 276 30.67 7.86 10.15
CA VAL A 276 29.99 7.20 9.04
C VAL A 276 28.54 7.73 8.99
N ILE A 277 28.11 8.22 7.83
CA ILE A 277 26.76 8.69 7.68
C ILE A 277 25.82 7.50 7.51
N TRP A 278 24.83 7.39 8.40
CA TRP A 278 23.60 6.61 8.13
C TRP A 278 22.65 7.55 7.42
N ASP A 279 22.24 7.26 6.17
CA ASP A 279 21.52 8.27 5.38
C ASP A 279 20.09 7.78 5.18
N ASN A 280 19.15 8.55 5.74
CA ASN A 280 17.75 8.21 5.73
C ASN A 280 17.05 8.93 4.56
N ILE A 281 17.80 9.57 3.66
CA ILE A 281 17.22 10.41 2.62
C ILE A 281 16.18 9.64 1.81
N HIS A 282 16.53 8.45 1.31
CA HIS A 282 15.58 7.72 0.44
C HIS A 282 14.73 6.68 1.20
N ALA A 283 14.77 6.68 2.53
CA ALA A 283 14.00 5.75 3.35
C ALA A 283 12.54 6.20 3.42
N ASN A 284 11.66 5.19 3.59
CA ASN A 284 10.22 5.36 3.85
C ASN A 284 9.73 4.50 5.03
N ASP A 285 10.63 4.01 5.91
CA ASP A 285 10.23 3.15 7.05
C ASP A 285 9.16 3.89 7.87
N TYR A 286 9.30 5.22 8.01
CA TYR A 286 8.53 6.16 8.91
C TYR A 286 7.16 6.60 8.32
N ASP A 287 6.98 6.52 7.01
CA ASP A 287 5.78 7.04 6.29
C ASP A 287 5.51 6.11 5.10
N GLN A 288 4.60 5.15 5.21
CA GLN A 288 4.50 4.13 4.15
C GLN A 288 3.51 4.55 3.05
N LYS A 289 3.39 5.86 2.83
CA LYS A 289 2.53 6.35 1.77
C LYS A 289 3.33 7.06 0.67
N ARG A 290 4.66 7.12 0.81
CA ARG A 290 5.55 7.69 -0.20
C ARG A 290 6.67 6.72 -0.56
N LEU A 291 7.22 6.93 -1.77
CA LEU A 291 8.29 6.14 -2.40
C LEU A 291 9.33 7.12 -3.00
N PHE A 292 10.63 6.78 -2.99
CA PHE A 292 11.69 7.79 -3.31
C PHE A 292 12.67 7.26 -4.36
N LEU A 293 12.31 7.55 -5.62
CA LEU A 293 13.02 7.14 -6.83
C LEU A 293 13.97 8.23 -7.33
N GLY A 294 14.15 9.30 -6.54
CA GLY A 294 15.04 10.40 -6.91
C GLY A 294 16.51 10.06 -6.73
N PRO A 295 17.41 11.00 -7.10
CA PRO A 295 18.85 10.81 -7.00
C PRO A 295 19.44 11.20 -5.64
N TYR A 296 20.56 10.57 -5.28
CA TYR A 296 21.35 11.05 -4.16
C TYR A 296 21.56 12.53 -4.44
N LYS A 297 21.35 13.39 -3.43
CA LYS A 297 21.62 14.81 -3.55
C LYS A 297 21.24 15.52 -2.25
N GLY A 298 21.96 16.59 -1.98
CA GLY A 298 21.91 17.21 -0.68
C GLY A 298 23.28 17.25 -0.03
N ARG A 299 24.22 16.40 -0.51
CA ARG A 299 25.52 16.24 0.15
C ARG A 299 26.67 16.41 -0.87
N SER A 300 27.46 17.45 -0.63
CA SER A 300 28.58 17.90 -1.44
C SER A 300 29.63 16.80 -1.55
N THR A 301 30.18 16.58 -2.74
CA THR A 301 31.34 15.69 -2.90
C THR A 301 32.46 16.17 -1.95
N GLU A 302 32.30 17.38 -1.42
CA GLU A 302 33.27 18.00 -0.51
C GLU A 302 33.47 17.17 0.77
N LEU A 303 32.42 16.50 1.24
CA LEU A 303 32.54 15.95 2.57
C LEU A 303 32.96 14.48 2.51
N ILE A 304 33.32 14.01 1.31
CA ILE A 304 33.81 12.63 1.17
C ILE A 304 35.12 12.44 1.92
N PRO A 305 36.00 13.45 1.96
CA PRO A 305 37.22 13.37 2.76
C PRO A 305 37.04 13.84 4.21
N ARG A 306 35.86 14.34 4.56
CA ARG A 306 35.53 14.68 5.94
C ARG A 306 34.79 13.52 6.64
N LEU A 307 34.49 12.44 5.89
CA LEU A 307 33.72 11.29 6.41
C LEU A 307 34.56 10.02 6.34
N LYS A 308 34.13 9.00 7.08
CA LYS A 308 34.77 7.69 7.15
C LYS A 308 33.95 6.66 6.33
N GLY A 309 32.81 7.11 5.82
CA GLY A 309 31.90 6.27 5.02
C GLY A 309 30.50 6.86 4.83
N VAL A 310 29.73 6.25 3.94
CA VAL A 310 28.30 6.53 3.83
C VAL A 310 27.53 5.22 3.60
N LEU A 311 26.52 4.96 4.44
CA LEU A 311 25.64 3.80 4.31
C LEU A 311 24.19 4.30 4.11
N THR A 312 23.61 4.11 2.93
CA THR A 312 22.22 4.54 2.70
C THR A 312 21.26 3.48 3.27
N ASN A 313 20.14 4.02 3.76
CA ASN A 313 18.98 3.34 4.31
C ASN A 313 17.86 3.66 3.32
N PRO A 314 17.56 2.70 2.43
CA PRO A 314 16.56 2.90 1.39
C PRO A 314 15.08 2.66 1.69
N ASN A 315 14.29 2.64 0.60
CA ASN A 315 12.87 2.35 0.67
C ASN A 315 12.75 0.92 1.16
N CYS A 316 11.67 0.61 1.86
CA CYS A 316 11.40 -0.72 2.34
C CYS A 316 11.28 -1.66 1.13
N GLU A 317 10.58 -1.16 0.10
CA GLU A 317 10.35 -1.90 -1.16
C GLU A 317 11.73 -2.17 -1.78
N PHE A 318 12.03 -3.42 -2.14
CA PHE A 318 13.43 -3.72 -2.52
C PHE A 318 13.83 -3.10 -3.87
N GLU A 319 12.88 -3.11 -4.82
CA GLU A 319 13.15 -2.76 -6.19
C GLU A 319 12.90 -1.26 -6.45
N ALA A 320 12.77 -0.43 -5.43
CA ALA A 320 12.68 1.04 -5.64
C ALA A 320 14.05 1.72 -5.39
N ASN A 321 15.01 0.91 -4.93
CA ASN A 321 16.30 1.34 -4.45
C ASN A 321 17.37 1.28 -5.54
N TYR A 322 16.96 1.15 -6.80
CA TYR A 322 17.88 1.09 -7.93
C TYR A 322 18.56 2.46 -8.06
N VAL A 323 17.76 3.49 -8.29
CA VAL A 323 18.34 4.80 -8.57
C VAL A 323 19.12 5.26 -7.33
N ALA A 324 18.59 4.88 -6.17
CA ALA A 324 19.03 5.42 -4.92
C ALA A 324 20.46 4.98 -4.57
N ILE A 325 20.85 3.79 -5.09
CA ILE A 325 22.19 3.21 -4.83
C ILE A 325 23.12 3.53 -6.00
N HIS A 326 22.60 3.34 -7.21
CA HIS A 326 23.35 3.65 -8.37
C HIS A 326 23.87 5.10 -8.30
N THR A 327 22.97 6.07 -8.04
CA THR A 327 23.40 7.49 -7.92
C THR A 327 24.31 7.70 -6.69
N LEU A 328 24.14 6.90 -5.64
CA LEU A 328 25.07 7.05 -4.51
C LEU A 328 26.49 6.68 -4.94
N ALA A 329 26.59 5.60 -5.73
CA ALA A 329 27.87 5.07 -6.13
C ALA A 329 28.54 6.07 -7.07
N THR A 330 27.77 6.54 -8.08
CA THR A 330 28.24 7.60 -8.98
C THR A 330 28.89 8.70 -8.13
N TRP A 331 28.19 9.18 -7.10
CA TRP A 331 28.66 10.24 -6.16
C TRP A 331 29.99 9.87 -5.49
N TYR A 332 30.12 8.64 -4.96
CA TYR A 332 31.34 8.25 -4.22
C TYR A 332 32.54 8.29 -5.17
N LYS A 333 32.42 7.60 -6.31
CA LYS A 333 33.45 7.55 -7.36
C LYS A 333 33.88 8.99 -7.73
N SER A 334 32.91 9.89 -7.93
CA SER A 334 33.12 11.31 -8.24
C SER A 334 34.26 11.98 -7.45
N ASN A 335 34.82 11.35 -6.42
CA ASN A 335 35.85 12.05 -5.66
C ASN A 335 36.37 11.17 -4.51
N MET A 336 36.71 9.91 -4.81
CA MET A 336 37.17 8.97 -3.78
C MET A 336 38.42 9.53 -3.10
N ASN A 337 39.32 10.08 -3.92
CA ASN A 337 40.62 10.61 -3.51
C ASN A 337 40.59 12.14 -3.66
N GLY A 338 40.63 12.85 -2.51
CA GLY A 338 40.58 14.31 -2.42
C GLY A 338 41.36 14.76 -1.21
N VAL A 339 41.32 16.07 -0.89
CA VAL A 339 41.88 16.58 0.38
C VAL A 339 40.82 17.50 1.02
N ARG A 340 41.14 18.12 2.16
CA ARG A 340 40.28 19.14 2.78
C ARG A 340 40.58 20.47 2.05
N LYS A 341 39.69 21.46 2.19
CA LYS A 341 39.90 22.86 1.70
C LYS A 341 40.10 22.90 0.19
N THR A 370 27.91 25.40 -6.15
CA THR A 370 27.23 24.23 -5.65
C THR A 370 27.64 23.02 -6.50
N ASP A 371 28.70 22.33 -6.03
CA ASP A 371 29.03 20.92 -6.34
C ASP A 371 29.41 20.78 -7.82
N VAL A 372 30.71 20.71 -8.11
CA VAL A 372 31.19 20.86 -9.49
C VAL A 372 31.46 19.49 -10.13
N LEU A 373 31.64 18.43 -9.32
CA LEU A 373 31.96 17.07 -9.82
C LEU A 373 30.67 16.23 -9.97
N TYR A 374 29.62 16.55 -9.20
CA TYR A 374 28.41 15.75 -9.19
C TYR A 374 27.22 16.65 -9.57
N SER A 375 26.43 16.20 -10.55
CA SER A 375 25.13 16.81 -10.86
C SER A 375 24.05 15.72 -10.75
N PRO A 376 23.06 15.88 -9.83
CA PRO A 376 22.04 14.86 -9.63
C PRO A 376 21.27 14.56 -10.93
N GLN A 377 20.89 15.63 -11.66
CA GLN A 377 20.11 15.59 -12.89
CA GLN A 377 20.02 15.46 -12.82
C GLN A 377 20.77 14.61 -13.87
N MET A 378 22.12 14.70 -13.91
CA MET A 378 23.00 13.89 -14.82
C MET A 378 23.01 12.43 -14.36
N ALA A 379 23.45 12.22 -13.12
CA ALA A 379 23.62 10.91 -12.45
C ALA A 379 22.32 10.11 -12.36
N LEU A 380 21.21 10.85 -12.31
CA LEU A 380 19.86 10.29 -12.30
C LEU A 380 19.59 9.66 -13.66
N LYS A 381 19.98 10.38 -14.72
CA LYS A 381 19.66 9.96 -16.05
C LYS A 381 20.49 8.73 -16.42
N LEU A 382 21.74 8.65 -15.92
CA LEU A 382 22.64 7.52 -16.25
C LEU A 382 22.07 6.28 -15.59
N ALA A 383 21.49 6.50 -14.41
CA ALA A 383 20.85 5.45 -13.62
C ALA A 383 19.55 4.97 -14.28
N LEU A 384 18.68 5.89 -14.72
CA LEU A 384 17.42 5.49 -15.33
C LEU A 384 17.71 4.72 -16.60
N THR A 385 18.81 5.10 -17.29
CA THR A 385 19.12 4.50 -18.59
C THR A 385 19.52 3.04 -18.32
N GLU A 386 20.23 2.80 -17.24
CA GLU A 386 20.63 1.43 -16.88
C GLU A 386 19.47 0.63 -16.30
N TRP A 387 18.68 1.24 -15.40
CA TRP A 387 17.53 0.57 -14.76
C TRP A 387 16.62 -0.03 -15.84
N LEU A 388 16.46 0.68 -16.96
CA LEU A 388 15.48 0.31 -18.00
C LEU A 388 15.75 -1.13 -18.53
N GLN A 389 17.01 -1.52 -18.72
CA GLN A 389 17.25 -2.88 -19.21
C GLN A 389 16.80 -3.92 -18.16
N GLU A 390 16.61 -3.51 -16.90
CA GLU A 390 16.08 -4.43 -15.88
C GLU A 390 14.63 -4.80 -16.19
N PHE A 391 13.81 -3.80 -16.57
CA PHE A 391 12.35 -3.98 -16.78
C PHE A 391 12.07 -5.02 -17.88
N GLY A 392 13.10 -5.37 -18.66
CA GLY A 392 13.01 -6.46 -19.59
C GLY A 392 12.22 -6.02 -20.81
N VAL A 393 11.51 -6.95 -21.42
CA VAL A 393 10.89 -6.73 -22.74
C VAL A 393 9.38 -6.93 -22.63
N PRO A 394 8.56 -6.29 -23.48
CA PRO A 394 7.10 -6.25 -23.27
C PRO A 394 6.17 -7.36 -23.80
N HIS A 395 6.28 -8.59 -23.27
CA HIS A 395 5.53 -9.77 -23.78
C HIS A 395 5.59 -9.77 -25.32
N GLN A 396 4.44 -9.90 -26.01
CA GLN A 396 4.38 -9.92 -27.50
C GLN A 396 3.36 -8.86 -27.95
N GLN A 537 0.77 -17.80 -34.98
CA GLN A 537 0.50 -17.73 -36.43
C GLN A 537 -1.01 -17.58 -36.67
N PHE A 538 -1.58 -16.45 -36.25
CA PHE A 538 -2.85 -15.92 -36.79
C PHE A 538 -2.57 -14.49 -37.24
N VAL A 539 -3.22 -14.09 -38.34
CA VAL A 539 -3.17 -12.72 -38.88
C VAL A 539 -4.60 -12.20 -39.04
N PRO A 540 -4.94 -10.98 -38.57
CA PRO A 540 -6.25 -10.41 -38.88
C PRO A 540 -6.32 -9.96 -40.35
N GLY A 541 -7.49 -10.16 -41.00
CA GLY A 541 -7.83 -9.48 -42.27
C GLY A 541 -7.76 -7.96 -42.12
N PRO A 542 -7.96 -7.16 -43.19
CA PRO A 542 -7.86 -5.71 -43.09
C PRO A 542 -9.17 -5.07 -42.61
N ASN A 543 -10.21 -5.90 -42.43
CA ASN A 543 -11.54 -5.48 -41.97
C ASN A 543 -11.97 -6.31 -40.74
N GLU A 544 -11.14 -7.29 -40.34
CA GLU A 544 -11.26 -8.09 -39.10
C GLU A 544 -10.62 -7.32 -37.92
N LYS A 545 -10.72 -7.91 -36.70
CA LYS A 545 -10.43 -7.23 -35.43
C LYS A 545 -8.94 -7.32 -35.09
N PRO A 546 -8.23 -6.16 -35.13
CA PRO A 546 -6.79 -6.03 -34.85
C PRO A 546 -6.25 -6.66 -33.55
N LEU A 547 -4.99 -7.09 -33.57
CA LEU A 547 -4.43 -7.88 -32.45
C LEU A 547 -4.03 -6.95 -31.28
N TYR A 548 -3.63 -7.54 -30.12
CA TYR A 548 -3.61 -6.80 -28.84
C TYR A 548 -2.40 -5.86 -28.77
N THR A 549 -1.18 -6.37 -28.96
CA THR A 549 0.05 -5.54 -28.90
C THR A 549 0.28 -4.94 -27.50
N ALA A 550 1.26 -5.49 -26.78
CA ALA A 550 1.88 -4.81 -25.64
C ALA A 550 2.96 -3.88 -26.16
N GLU A 551 3.23 -2.78 -25.45
CA GLU A 551 4.24 -1.82 -25.87
C GLU A 551 5.39 -1.84 -24.89
N PRO A 552 6.59 -1.38 -25.28
CA PRO A 552 7.75 -1.43 -24.40
C PRO A 552 7.63 -0.31 -23.38
N VAL A 553 8.20 -0.50 -22.19
CA VAL A 553 8.50 0.63 -21.34
C VAL A 553 9.61 1.41 -22.06
N THR A 554 9.69 2.72 -21.83
CA THR A 554 10.66 3.60 -22.46
C THR A 554 11.38 4.42 -21.38
N LEU A 555 12.20 5.39 -21.79
CA LEU A 555 12.95 6.19 -20.82
C LEU A 555 12.12 7.39 -20.35
N GLU A 556 11.23 7.92 -21.19
CA GLU A 556 10.42 9.08 -20.78
C GLU A 556 9.36 8.58 -19.80
N ASP A 557 9.11 7.27 -19.84
CA ASP A 557 8.31 6.57 -18.85
C ASP A 557 9.05 6.60 -17.50
N LEU A 558 10.25 6.04 -17.43
CA LEU A 558 10.99 6.04 -16.17
C LEU A 558 11.32 7.48 -15.72
N GLN A 559 11.46 8.42 -16.65
CA GLN A 559 11.77 9.80 -16.27
C GLN A 559 10.55 10.43 -15.57
N LEU A 560 9.34 10.10 -16.05
CA LEU A 560 8.11 10.62 -15.43
C LEU A 560 7.88 9.95 -14.06
N LEU A 561 8.07 8.62 -13.99
CA LEU A 561 7.91 7.87 -12.72
C LEU A 561 8.74 8.55 -11.64
N ALA A 562 10.05 8.58 -11.85
CA ALA A 562 10.95 9.10 -10.86
C ALA A 562 10.61 10.56 -10.51
N ASP A 563 9.97 11.27 -11.43
CA ASP A 563 9.78 12.71 -11.22
C ASP A 563 8.53 12.88 -10.34
N LEU A 564 7.56 11.95 -10.44
CA LEU A 564 6.36 11.87 -9.54
C LEU A 564 6.73 11.35 -8.14
N PHE A 565 7.67 10.41 -8.07
CA PHE A 565 8.11 9.82 -6.80
C PHE A 565 9.57 10.23 -6.52
N TYR A 566 9.83 11.55 -6.41
CA TYR A 566 11.23 12.13 -6.45
C TYR A 566 11.91 11.97 -5.07
N LEU A 567 11.79 12.95 -4.16
CA LEU A 567 12.49 12.93 -2.87
C LEU A 567 11.55 13.30 -1.72
N PRO A 568 11.93 13.09 -0.44
CA PRO A 568 11.06 13.45 0.67
C PRO A 568 10.67 14.94 0.79
N TYR A 569 11.41 15.85 0.14
CA TYR A 569 11.26 17.30 0.38
C TYR A 569 11.05 18.13 -0.90
N GLU A 570 10.82 17.48 -2.05
CA GLU A 570 10.68 18.19 -3.33
C GLU A 570 10.22 17.20 -4.38
N HIS A 571 9.31 17.61 -5.26
CA HIS A 571 8.90 16.75 -6.37
C HIS A 571 9.86 16.89 -7.58
N GLY A 572 9.76 15.94 -8.52
CA GLY A 572 10.46 16.02 -9.79
C GLY A 572 9.96 17.21 -10.61
N PRO A 573 10.81 17.84 -11.46
CA PRO A 573 10.38 18.95 -12.31
C PRO A 573 9.13 18.63 -13.15
N LYS A 574 9.02 17.39 -13.66
CA LYS A 574 7.85 17.03 -14.47
C LYS A 574 6.58 17.10 -13.59
N GLY A 575 6.56 16.29 -12.53
CA GLY A 575 5.49 16.30 -11.54
C GLY A 575 5.22 17.69 -10.99
N ALA A 576 6.29 18.45 -10.73
CA ALA A 576 6.16 19.78 -10.13
C ALA A 576 5.44 20.74 -11.08
N GLN A 577 5.60 20.52 -12.40
CA GLN A 577 4.98 21.32 -13.45
C GLN A 577 3.52 20.89 -13.53
N MET A 578 3.34 19.60 -13.83
CA MET A 578 2.09 18.90 -13.80
C MET A 578 1.14 19.48 -12.74
N LEU A 579 1.66 19.74 -11.53
CA LEU A 579 0.85 20.32 -10.45
C LEU A 579 0.58 21.82 -10.69
N ARG A 580 1.63 22.66 -10.70
CA ARG A 580 1.56 24.14 -10.94
C ARG A 580 0.50 24.47 -12.01
N GLU A 581 0.51 23.73 -13.12
CA GLU A 581 -0.47 23.85 -14.20
C GLU A 581 -1.89 23.56 -13.69
N PHE A 582 -2.11 22.35 -13.16
CA PHE A 582 -3.42 22.01 -12.59
C PHE A 582 -3.93 23.09 -11.60
N GLN A 583 -3.06 23.74 -10.83
CA GLN A 583 -3.56 24.63 -9.75
C GLN A 583 -3.90 25.99 -10.36
N TRP A 584 -3.28 26.29 -11.51
CA TRP A 584 -3.60 27.49 -12.27
C TRP A 584 -4.98 27.33 -12.89
N LEU A 585 -5.15 26.26 -13.68
CA LEU A 585 -6.40 25.99 -14.36
C LEU A 585 -7.54 26.14 -13.34
N ARG A 586 -7.34 25.54 -12.16
CA ARG A 586 -8.32 25.55 -11.10
C ARG A 586 -8.68 27.02 -10.76
N ALA A 587 -7.65 27.86 -10.59
CA ALA A 587 -7.77 29.21 -10.03
C ALA A 587 -8.47 30.15 -11.01
N ASN A 588 -8.36 29.88 -12.31
CA ASN A 588 -8.98 30.67 -13.39
C ASN A 588 -10.12 29.85 -14.03
N SER A 589 -10.94 29.21 -13.20
CA SER A 589 -12.11 28.46 -13.65
C SER A 589 -13.24 29.43 -13.93
N SER A 590 -13.26 30.51 -13.14
CA SER A 590 -14.21 31.62 -13.21
C SER A 590 -14.50 32.01 -14.66
N VAL A 591 -13.44 32.14 -15.44
CA VAL A 591 -13.46 32.66 -16.80
C VAL A 591 -14.32 31.75 -17.72
N VAL A 592 -14.35 30.43 -17.46
CA VAL A 592 -15.04 29.46 -18.32
C VAL A 592 -16.32 28.93 -17.64
N SER A 593 -16.73 29.54 -16.52
CA SER A 593 -17.87 29.04 -15.74
C SER A 593 -19.21 29.44 -16.40
N VAL A 594 -19.37 30.74 -16.75
CA VAL A 594 -20.72 31.37 -17.01
C VAL A 594 -21.02 31.53 -18.51
N ASN A 595 -20.31 32.43 -19.23
CA ASN A 595 -20.65 32.74 -20.65
C ASN A 595 -19.36 33.13 -21.42
N CYS A 596 -19.32 34.36 -21.99
CA CYS A 596 -18.10 34.99 -22.54
C CYS A 596 -18.25 36.52 -22.48
N LYS A 597 -17.24 37.24 -21.97
CA LYS A 597 -17.32 38.72 -21.81
C LYS A 597 -15.97 39.35 -22.18
N GLY A 598 -15.15 39.67 -21.16
CA GLY A 598 -13.73 40.07 -21.30
C GLY A 598 -12.82 38.85 -21.24
N LYS A 599 -13.00 37.96 -22.22
CA LYS A 599 -12.35 36.66 -22.29
C LYS A 599 -11.47 36.60 -23.58
N ASP A 600 -10.26 37.09 -23.41
CA ASP A 600 -9.38 37.34 -24.51
C ASP A 600 -8.69 36.03 -24.90
N SER A 601 -7.64 36.18 -25.72
CA SER A 601 -6.52 35.23 -25.79
C SER A 601 -6.11 34.88 -24.35
N ALA A 602 -5.67 35.93 -23.63
CA ALA A 602 -5.01 35.85 -22.31
C ALA A 602 -6.02 35.54 -21.19
N LYS A 603 -7.32 35.61 -21.48
CA LYS A 603 -8.33 35.01 -20.63
C LYS A 603 -8.65 33.63 -21.22
N ILE A 604 -9.84 33.45 -21.79
CA ILE A 604 -10.34 32.13 -22.17
C ILE A 604 -9.24 31.34 -22.89
N ALA A 605 -8.89 31.71 -24.13
CA ALA A 605 -8.15 30.78 -24.98
C ALA A 605 -6.69 30.63 -24.54
N GLU A 606 -6.29 31.30 -23.43
CA GLU A 606 -5.13 30.85 -22.60
C GLU A 606 -5.49 29.48 -22.00
N TRP A 607 -6.46 29.52 -21.08
CA TRP A 607 -7.02 28.35 -20.36
C TRP A 607 -7.25 27.18 -21.34
N ARG A 608 -8.07 27.39 -22.37
CA ARG A 608 -8.47 26.30 -23.27
C ARG A 608 -7.22 25.60 -23.78
N SER A 609 -6.20 26.40 -24.08
CA SER A 609 -4.94 25.89 -24.57
C SER A 609 -4.25 25.06 -23.49
N ARG A 610 -3.91 25.72 -22.37
CA ARG A 610 -3.16 25.12 -21.28
C ARG A 610 -3.87 23.83 -20.82
N ALA A 611 -5.19 23.97 -20.63
CA ALA A 611 -6.08 22.89 -20.22
C ALA A 611 -5.93 21.68 -21.13
N ALA A 612 -5.71 21.87 -22.42
CA ALA A 612 -5.60 20.69 -23.25
C ALA A 612 -4.14 20.21 -23.25
N LYS A 613 -3.17 21.12 -23.04
CA LYS A 613 -1.74 20.72 -22.89
C LYS A 613 -1.67 19.82 -21.64
N PHE A 614 -2.33 20.24 -20.55
CA PHE A 614 -2.50 19.44 -19.31
C PHE A 614 -3.14 18.08 -19.59
N GLU A 615 -4.39 18.10 -20.10
CA GLU A 615 -5.17 16.87 -20.40
C GLU A 615 -4.26 15.82 -21.06
N GLU A 616 -3.37 16.24 -21.95
CA GLU A 616 -2.57 15.33 -22.75
C GLU A 616 -1.52 14.62 -21.89
N MET A 617 -1.05 15.29 -20.83
CA MET A 617 0.04 14.76 -19.98
C MET A 617 -0.54 13.91 -18.82
N CYS A 618 -1.68 14.31 -18.26
CA CYS A 618 -2.52 13.36 -17.53
C CYS A 618 -2.60 12.03 -18.30
N GLY A 619 -2.73 12.11 -19.63
CA GLY A 619 -2.73 10.95 -20.52
C GLY A 619 -1.46 10.12 -20.39
N LEU A 620 -0.30 10.80 -20.33
CA LEU A 620 1.05 10.19 -20.32
C LEU A 620 1.36 9.37 -19.07
N VAL A 621 0.83 9.85 -17.94
CA VAL A 621 0.83 9.09 -16.72
C VAL A 621 0.14 7.74 -16.94
N MET A 622 -1.06 7.76 -17.52
CA MET A 622 -1.82 6.54 -17.72
C MET A 622 -1.02 5.59 -18.63
N GLY A 623 -0.24 6.20 -19.53
CA GLY A 623 0.60 5.43 -20.42
C GLY A 623 1.55 4.57 -19.62
N MET A 624 2.35 5.24 -18.76
CA MET A 624 3.48 4.62 -18.03
C MET A 624 2.97 3.50 -17.11
N PHE A 625 1.76 3.64 -16.57
CA PHE A 625 1.15 2.56 -15.80
C PHE A 625 0.87 1.39 -16.75
N THR A 626 0.06 1.66 -17.77
CA THR A 626 -0.30 0.70 -18.80
C THR A 626 0.95 -0.05 -19.28
N ARG A 627 2.04 0.67 -19.51
CA ARG A 627 3.17 0.03 -20.13
C ARG A 627 3.99 -0.72 -19.07
N LEU A 628 4.11 -0.13 -17.86
CA LEU A 628 4.77 -0.83 -16.72
C LEU A 628 4.09 -2.18 -16.46
N SER A 629 2.75 -2.21 -16.63
CA SER A 629 1.97 -3.38 -16.27
C SER A 629 1.84 -4.34 -17.45
N ASN A 630 2.43 -4.02 -18.60
CA ASN A 630 2.48 -4.95 -19.74
C ASN A 630 3.93 -5.36 -20.06
N CYS A 631 4.89 -5.07 -19.16
CA CYS A 631 6.20 -5.73 -19.17
C CYS A 631 5.97 -7.24 -19.19
N ALA A 632 7.01 -7.99 -19.55
CA ALA A 632 6.99 -9.44 -19.42
C ALA A 632 7.27 -9.81 -17.97
N ASN A 633 8.16 -9.04 -17.33
CA ASN A 633 8.58 -9.32 -15.97
C ASN A 633 8.18 -8.16 -15.05
N ARG A 634 7.21 -8.47 -14.19
CA ARG A 634 6.39 -7.50 -13.48
C ARG A 634 6.94 -7.25 -12.07
N THR A 635 8.08 -7.86 -11.74
CA THR A 635 8.61 -7.85 -10.37
C THR A 635 8.79 -6.41 -9.87
N ILE A 636 9.42 -5.59 -10.72
CA ILE A 636 9.77 -4.25 -10.35
C ILE A 636 8.44 -3.52 -10.09
N LEU A 637 7.43 -3.71 -10.95
CA LEU A 637 6.12 -3.03 -10.77
C LEU A 637 5.46 -3.45 -9.47
N TYR A 638 5.16 -4.74 -9.36
CA TYR A 638 4.36 -5.28 -8.26
C TYR A 638 4.95 -4.87 -6.89
N ASP A 639 6.26 -4.65 -6.82
CA ASP A 639 6.88 -4.25 -5.59
C ASP A 639 6.48 -2.81 -5.24
N MET A 640 6.08 -1.99 -6.23
CA MET A 640 5.62 -0.59 -6.03
C MET A 640 4.12 -0.42 -6.41
N TYR A 641 3.37 -1.50 -6.68
CA TYR A 641 1.98 -1.42 -7.22
C TYR A 641 1.16 -0.34 -6.51
N SER A 642 1.00 -0.43 -5.17
CA SER A 642 0.14 0.50 -4.41
C SER A 642 0.43 1.95 -4.82
N TYR A 643 1.71 2.36 -4.86
CA TYR A 643 2.12 3.76 -5.11
C TYR A 643 1.77 4.24 -6.53
N VAL A 644 2.05 3.40 -7.53
CA VAL A 644 1.95 3.72 -8.97
C VAL A 644 0.48 3.61 -9.39
N TRP A 645 -0.31 2.91 -8.61
CA TRP A 645 -1.68 2.74 -8.96
C TRP A 645 -2.44 3.98 -8.48
N ASP A 646 -2.11 4.43 -7.27
CA ASP A 646 -2.82 5.53 -6.66
C ASP A 646 -2.57 6.78 -7.50
N ILE A 647 -1.36 6.91 -8.05
CA ILE A 647 -1.01 8.12 -8.80
C ILE A 647 -1.83 8.16 -10.08
N LYS A 648 -1.99 7.00 -10.74
CA LYS A 648 -2.65 6.95 -12.04
C LYS A 648 -4.16 7.09 -11.86
N SER A 649 -4.66 6.63 -10.71
CA SER A 649 -6.08 6.65 -10.44
C SER A 649 -6.53 8.06 -10.09
N ILE A 650 -5.68 8.89 -9.50
CA ILE A 650 -6.05 10.28 -9.18
C ILE A 650 -5.84 11.13 -10.42
N MET A 651 -4.80 10.84 -11.22
CA MET A 651 -4.58 11.59 -12.46
C MET A 651 -5.83 11.49 -13.35
N SER A 652 -6.28 10.27 -13.60
CA SER A 652 -7.57 9.94 -14.19
C SER A 652 -8.70 10.85 -13.67
N MET A 653 -8.82 10.90 -12.36
CA MET A 653 -9.89 11.57 -11.64
C MET A 653 -9.76 13.08 -11.79
N VAL A 654 -8.52 13.56 -11.90
CA VAL A 654 -8.17 14.98 -12.05
C VAL A 654 -8.54 15.47 -13.46
N LYS A 655 -8.14 14.70 -14.49
CA LYS A 655 -8.47 14.98 -15.90
C LYS A 655 -9.97 15.17 -16.06
N SER A 656 -10.77 14.24 -15.53
CA SER A 656 -12.21 14.40 -15.62
C SER A 656 -12.71 15.72 -14.98
N PHE A 657 -12.08 16.18 -13.89
CA PHE A 657 -12.42 17.46 -13.28
C PHE A 657 -12.19 18.62 -14.28
N VAL A 658 -11.01 18.62 -14.90
CA VAL A 658 -10.61 19.69 -15.83
C VAL A 658 -11.67 19.78 -16.93
N GLN A 659 -12.05 18.63 -17.49
CA GLN A 659 -13.06 18.55 -18.53
C GLN A 659 -14.32 19.30 -18.04
N TRP A 660 -14.88 18.85 -16.92
CA TRP A 660 -16.10 19.42 -16.34
C TRP A 660 -15.97 20.94 -16.09
N LEU A 661 -14.84 21.38 -15.57
CA LEU A 661 -14.59 22.83 -15.35
C LEU A 661 -14.84 23.64 -16.62
N GLY A 662 -14.38 23.06 -17.75
CA GLY A 662 -14.16 23.71 -19.03
C GLY A 662 -15.39 23.68 -19.90
N CYS A 663 -16.45 23.04 -19.42
CA CYS A 663 -17.72 23.07 -20.09
C CYS A 663 -18.84 23.07 -19.05
N ARG A 664 -18.76 23.99 -18.08
CA ARG A 664 -19.80 24.19 -17.05
C ARG A 664 -21.00 24.98 -17.62
N SER A 665 -21.07 25.14 -18.96
CA SER A 665 -22.16 25.85 -19.72
C SER A 665 -22.86 24.95 -20.77
N HIS A 666 -22.33 23.74 -21.07
CA HIS A 666 -23.07 22.70 -21.84
C HIS A 666 -24.21 22.11 -20.97
N SER A 667 -24.08 22.27 -19.64
CA SER A 667 -25.16 22.16 -18.63
C SER A 667 -24.76 23.01 -17.40
N SER A 668 -25.15 22.61 -16.18
CA SER A 668 -24.53 23.08 -14.94
C SER A 668 -24.73 22.03 -13.84
N ALA A 669 -24.18 20.84 -14.12
CA ALA A 669 -24.17 19.69 -13.24
C ALA A 669 -23.45 20.02 -11.91
N GLN A 670 -23.28 18.98 -11.08
CA GLN A 670 -22.18 18.85 -10.12
C GLN A 670 -21.05 18.09 -10.83
N PHE A 671 -19.85 18.13 -10.26
CA PHE A 671 -18.77 17.27 -10.71
C PHE A 671 -18.93 15.88 -10.09
N LEU A 672 -18.98 14.85 -10.92
CA LEU A 672 -19.35 13.52 -10.45
C LEU A 672 -18.77 12.44 -11.36
N ILE A 673 -18.70 11.22 -10.82
CA ILE A 673 -18.20 10.04 -11.52
C ILE A 673 -19.08 8.87 -11.09
N GLY A 674 -19.32 7.94 -12.03
CA GLY A 674 -20.39 7.00 -11.84
C GLY A 674 -21.64 7.80 -11.59
N ASP A 675 -21.97 7.99 -10.31
CA ASP A 675 -22.81 9.11 -9.98
C ASP A 675 -22.60 9.59 -8.54
N GLN A 676 -21.47 9.19 -7.94
CA GLN A 676 -21.00 9.80 -6.68
C GLN A 676 -19.52 10.19 -6.85
N GLU A 677 -18.84 10.47 -5.74
CA GLU A 677 -17.56 11.15 -5.80
C GLU A 677 -16.53 10.44 -4.91
N PRO A 678 -15.73 9.51 -5.48
CA PRO A 678 -14.92 8.55 -4.70
C PRO A 678 -13.62 9.02 -4.02
N TRP A 679 -13.05 10.10 -4.58
CA TRP A 679 -11.88 10.82 -4.08
C TRP A 679 -12.16 11.40 -2.69
N ALA A 680 -13.44 11.49 -2.35
CA ALA A 680 -13.93 12.13 -1.13
C ALA A 680 -13.73 11.21 0.07
N PHE A 681 -13.60 9.91 -0.22
CA PHE A 681 -13.28 8.91 0.77
C PHE A 681 -11.81 9.06 1.21
N ARG A 682 -11.16 10.17 0.79
CA ARG A 682 -9.78 10.61 1.15
C ARG A 682 -8.90 9.36 1.42
N GLY A 683 -9.05 8.34 0.55
CA GLY A 683 -8.33 7.08 0.70
C GLY A 683 -8.22 6.61 2.14
N GLY A 684 -9.36 6.32 2.77
CA GLY A 684 -9.41 5.63 4.07
C GLY A 684 -9.86 6.51 5.22
N LEU A 685 -9.96 5.90 6.40
CA LEU A 685 -10.43 6.62 7.56
C LEU A 685 -9.32 7.55 8.03
N ALA A 686 -8.09 7.04 7.95
CA ALA A 686 -6.92 7.83 8.25
C ALA A 686 -6.93 9.12 7.41
N GLY A 687 -7.54 9.04 6.22
CA GLY A 687 -7.70 10.17 5.32
C GLY A 687 -8.62 11.27 5.85
N GLU A 688 -9.78 10.87 6.42
CA GLU A 688 -10.79 11.80 6.93
C GLU A 688 -10.28 12.49 8.21
N PHE A 689 -9.34 11.85 8.91
CA PHE A 689 -8.68 12.43 10.06
C PHE A 689 -7.62 13.42 9.58
N GLN A 690 -6.89 13.06 8.52
CA GLN A 690 -5.79 13.91 8.01
C GLN A 690 -6.29 15.34 7.68
N ARG A 691 -7.48 15.45 7.09
CA ARG A 691 -7.96 16.72 6.58
C ARG A 691 -8.28 17.65 7.76
N LEU A 692 -8.59 17.09 8.94
CA LEU A 692 -9.03 17.92 10.10
C LEU A 692 -7.84 18.44 10.91
N LEU A 693 -6.63 17.91 10.66
CA LEU A 693 -5.43 18.50 11.26
C LEU A 693 -5.21 19.88 10.65
N PRO A 694 -4.38 20.74 11.27
CA PRO A 694 -4.21 22.12 10.80
C PRO A 694 -3.72 22.23 9.35
N ILE A 695 -4.06 23.36 8.70
CA ILE A 695 -3.98 23.53 7.23
C ILE A 695 -3.29 24.87 6.89
N ASP A 696 -2.58 24.87 5.74
CA ASP A 696 -1.67 25.98 5.22
C ASP A 696 -2.28 27.37 5.40
N GLY A 697 -3.60 27.49 5.16
CA GLY A 697 -4.31 28.74 5.19
C GLY A 697 -4.40 29.36 3.80
N ALA A 698 -3.55 28.86 2.88
CA ALA A 698 -3.50 29.26 1.48
C ALA A 698 -3.99 28.07 0.62
N ASN A 699 -3.13 27.57 -0.30
CA ASN A 699 -3.47 26.77 -1.54
C ASN A 699 -5.00 26.62 -1.66
N ASP A 700 -5.68 27.71 -2.06
CA ASP A 700 -7.12 27.97 -1.82
C ASP A 700 -7.97 26.78 -2.27
N LEU A 701 -9.14 26.66 -1.65
CA LEU A 701 -10.05 25.51 -1.75
C LEU A 701 -10.78 25.53 -3.11
N PHE A 702 -11.70 24.57 -3.33
CA PHE A 702 -12.74 24.62 -4.42
C PHE A 702 -13.97 23.81 -3.99
N PHE A 703 -15.15 24.38 -4.23
CA PHE A 703 -16.36 23.88 -3.62
C PHE A 703 -17.28 23.24 -4.67
N GLN A 704 -17.94 22.14 -4.27
CA GLN A 704 -18.95 21.45 -5.05
C GLN A 704 -20.24 22.24 -4.90
N PRO A 705 -20.87 22.69 -6.01
CA PRO A 705 -22.18 23.36 -5.92
C PRO A 705 -23.27 22.42 -5.39
N PRO A 706 -24.30 22.89 -4.62
CA PRO A 706 -25.46 22.07 -4.22
C PRO A 706 -26.19 21.35 -5.34
N PRO A 707 -27.05 20.33 -5.05
CA PRO A 707 -27.88 19.69 -6.08
C PRO A 707 -28.82 20.58 -6.93
N LEU A 708 -29.03 21.85 -6.55
CA LEU A 708 -29.79 22.89 -7.33
C LEU A 708 -31.29 22.52 -7.37
N THR A 709 -31.57 21.23 -7.60
CA THR A 709 -32.93 20.65 -7.71
C THR A 709 -33.50 20.34 -6.32
N PRO A 710 -34.48 21.13 -5.79
CA PRO A 710 -34.95 20.98 -4.41
C PRO A 710 -36.11 19.97 -4.38
N THR A 711 -36.76 19.87 -3.20
CA THR A 711 -37.92 18.97 -3.08
C THR A 711 -38.97 19.45 -2.06
N SER A 712 -39.06 20.76 -1.77
CA SER A 712 -40.14 21.26 -0.90
C SER A 712 -40.61 22.69 -1.22
N LYS A 713 -41.92 22.84 -1.44
CA LYS A 713 -42.68 24.10 -1.22
C LYS A 713 -41.84 24.99 -0.26
N VAL A 714 -41.47 24.52 0.96
CA VAL A 714 -40.98 25.39 2.13
C VAL A 714 -39.47 25.62 2.06
N TYR A 715 -39.06 26.87 2.39
CA TYR A 715 -37.77 27.47 1.96
C TYR A 715 -36.58 26.86 2.71
N ALA B 57 -31.20 -29.47 -0.70
CA ALA B 57 -31.05 -30.41 -1.85
C ALA B 57 -31.36 -29.66 -3.16
N ARG B 58 -30.73 -28.49 -3.33
CA ARG B 58 -30.81 -27.65 -4.53
C ARG B 58 -29.42 -27.09 -4.85
N ARG B 59 -28.96 -27.15 -6.10
CA ARG B 59 -27.58 -26.77 -6.45
C ARG B 59 -27.41 -25.24 -6.32
N PHE B 60 -26.30 -24.83 -5.68
CA PHE B 60 -26.06 -23.44 -5.40
C PHE B 60 -24.54 -23.19 -5.32
N LEU B 61 -24.04 -22.38 -6.25
CA LEU B 61 -22.64 -21.98 -6.27
C LEU B 61 -22.41 -20.87 -5.26
N CYS B 62 -21.64 -21.16 -4.21
CA CYS B 62 -21.32 -20.13 -3.26
C CYS B 62 -19.85 -20.23 -2.84
N GLY B 63 -19.11 -19.14 -3.07
CA GLY B 63 -17.71 -19.13 -2.75
C GLY B 63 -17.04 -17.85 -3.19
N VAL B 64 -15.83 -18.01 -3.74
CA VAL B 64 -14.93 -16.95 -4.01
C VAL B 64 -14.53 -17.00 -5.47
N VAL B 65 -14.40 -15.82 -6.06
CA VAL B 65 -13.85 -15.65 -7.39
C VAL B 65 -12.66 -14.72 -7.28
N GLU B 66 -11.50 -15.22 -7.70
CA GLU B 66 -10.29 -14.45 -7.83
C GLU B 66 -10.40 -13.75 -9.18
N GLY B 67 -10.90 -12.50 -9.18
CA GLY B 67 -11.22 -11.77 -10.39
C GLY B 67 -10.78 -10.32 -10.35
N PHE B 68 -9.67 -10.03 -9.67
CA PHE B 68 -9.22 -8.65 -9.55
C PHE B 68 -7.97 -8.37 -10.38
N TYR B 69 -7.81 -7.10 -10.72
CA TYR B 69 -6.57 -6.58 -11.23
C TYR B 69 -5.57 -6.55 -10.06
N GLY B 70 -4.37 -7.07 -10.32
CA GLY B 70 -3.28 -7.00 -9.37
C GLY B 70 -2.54 -8.32 -9.28
N ARG B 71 -1.42 -8.30 -8.54
CA ARG B 71 -0.55 -9.44 -8.36
C ARG B 71 -1.34 -10.61 -7.77
N PRO B 72 -1.58 -11.68 -8.56
CA PRO B 72 -2.44 -12.78 -8.14
C PRO B 72 -1.91 -13.60 -6.97
N TRP B 73 -2.86 -14.25 -6.33
CA TRP B 73 -2.57 -15.15 -5.29
C TRP B 73 -1.67 -16.25 -5.89
N VAL B 74 -0.82 -16.76 -5.01
CA VAL B 74 0.10 -17.85 -5.27
C VAL B 74 -0.45 -19.12 -4.61
N MET B 75 0.29 -20.23 -4.74
CA MET B 75 -0.29 -21.53 -4.55
C MET B 75 -0.66 -21.73 -3.08
N GLU B 76 0.30 -21.55 -2.17
CA GLU B 76 0.06 -22.04 -0.82
C GLU B 76 -1.12 -21.22 -0.23
N GLN B 77 -1.49 -20.10 -0.88
CA GLN B 77 -2.66 -19.26 -0.50
C GLN B 77 -3.94 -19.91 -1.04
N ARG B 78 -3.96 -20.17 -2.34
CA ARG B 78 -5.10 -20.82 -2.95
C ARG B 78 -5.35 -22.15 -2.18
N LYS B 79 -4.28 -22.85 -1.82
CA LYS B 79 -4.39 -24.15 -1.12
C LYS B 79 -5.03 -23.87 0.25
N GLU B 80 -4.67 -22.76 0.90
CA GLU B 80 -5.33 -22.37 2.15
C GLU B 80 -6.79 -22.00 1.86
N LEU B 81 -7.05 -21.25 0.77
CA LEU B 81 -8.40 -20.72 0.50
C LEU B 81 -9.38 -21.89 0.46
N PHE B 82 -8.92 -23.00 -0.12
CA PHE B 82 -9.73 -24.21 -0.27
C PHE B 82 -10.00 -24.89 1.08
N ARG B 83 -8.99 -24.97 1.96
CA ARG B 83 -9.16 -25.45 3.36
C ARG B 83 -10.33 -24.69 4.00
N ARG B 84 -10.31 -23.36 3.79
CA ARG B 84 -11.17 -22.43 4.49
C ARG B 84 -12.59 -22.54 3.92
N LEU B 85 -12.69 -22.54 2.58
CA LEU B 85 -14.00 -22.66 1.92
C LEU B 85 -14.69 -23.94 2.43
N GLN B 86 -13.93 -25.03 2.50
CA GLN B 86 -14.43 -26.31 2.95
C GLN B 86 -14.88 -26.23 4.43
N LYS B 87 -14.03 -25.70 5.30
CA LYS B 87 -14.32 -25.69 6.74
C LYS B 87 -15.66 -24.99 7.01
N TRP B 88 -15.98 -23.97 6.20
CA TRP B 88 -17.16 -23.12 6.35
C TRP B 88 -18.26 -23.53 5.37
N GLU B 89 -18.12 -24.73 4.81
CA GLU B 89 -19.17 -25.40 4.09
C GLU B 89 -19.55 -24.66 2.81
N LEU B 90 -18.70 -23.80 2.28
CA LEU B 90 -18.93 -23.26 0.94
C LEU B 90 -18.30 -24.19 -0.11
N ASN B 91 -18.59 -23.98 -1.42
CA ASN B 91 -18.44 -25.07 -2.38
C ASN B 91 -17.78 -24.68 -3.72
N THR B 92 -17.32 -23.45 -3.93
CA THR B 92 -16.91 -23.02 -5.30
C THR B 92 -15.71 -22.06 -5.31
N TYR B 93 -14.81 -22.26 -6.30
CA TYR B 93 -13.79 -21.29 -6.66
C TYR B 93 -13.89 -20.97 -8.16
N LEU B 94 -13.94 -19.69 -8.53
CA LEU B 94 -13.76 -19.22 -9.91
C LEU B 94 -12.36 -18.64 -10.06
N TYR B 95 -11.61 -19.15 -11.06
CA TYR B 95 -10.26 -18.68 -11.42
C TYR B 95 -10.42 -17.67 -12.56
N ALA B 96 -10.08 -16.39 -12.33
CA ALA B 96 -10.24 -15.32 -13.33
C ALA B 96 -9.41 -14.06 -13.01
N PRO B 97 -8.13 -14.25 -12.61
CA PRO B 97 -7.24 -13.13 -12.25
C PRO B 97 -6.96 -12.26 -13.48
N LYS B 98 -7.08 -10.95 -13.35
CA LYS B 98 -7.03 -10.16 -14.55
C LYS B 98 -5.56 -10.13 -15.01
N ASP B 99 -4.62 -10.50 -14.12
CA ASP B 99 -3.17 -10.30 -14.40
C ASP B 99 -2.50 -11.57 -14.98
N ASP B 100 -3.26 -12.62 -15.31
CA ASP B 100 -2.71 -13.83 -15.95
C ASP B 100 -2.80 -13.63 -17.46
N TYR B 101 -1.67 -13.32 -18.08
CA TYR B 101 -1.60 -13.03 -19.51
C TYR B 101 -2.50 -13.97 -20.32
N LYS B 102 -2.47 -15.27 -19.98
CA LYS B 102 -3.09 -16.35 -20.73
C LYS B 102 -4.61 -16.40 -20.50
N HIS B 103 -5.10 -15.83 -19.39
CA HIS B 103 -6.55 -15.76 -19.09
C HIS B 103 -7.30 -14.74 -19.98
N ARG B 104 -6.65 -13.70 -20.53
CA ARG B 104 -7.41 -12.57 -21.06
C ARG B 104 -6.63 -11.81 -22.16
N MET B 105 -5.53 -11.14 -21.78
CA MET B 105 -4.89 -10.20 -22.70
C MET B 105 -4.45 -10.98 -23.94
N PHE B 106 -3.73 -12.07 -23.64
CA PHE B 106 -3.15 -12.98 -24.60
C PHE B 106 -3.78 -14.37 -24.42
N TRP B 107 -5.00 -14.53 -24.94
CA TRP B 107 -5.83 -15.66 -24.58
C TRP B 107 -5.50 -16.83 -25.49
N ARG B 108 -5.01 -16.53 -26.70
CA ARG B 108 -4.84 -17.54 -27.75
C ARG B 108 -3.68 -18.48 -27.37
N GLU B 109 -2.71 -17.93 -26.61
CA GLU B 109 -1.44 -18.62 -26.18
C GLU B 109 -1.78 -19.77 -25.24
N MET B 110 -1.25 -20.96 -25.55
CA MET B 110 -1.45 -22.17 -24.74
C MET B 110 -0.54 -22.10 -23.51
N TYR B 111 -0.91 -22.83 -22.46
CA TYR B 111 -0.13 -22.74 -21.23
C TYR B 111 1.25 -23.39 -21.45
N SER B 112 2.27 -22.91 -20.75
CA SER B 112 3.63 -23.48 -20.78
C SER B 112 3.70 -24.82 -20.02
N VAL B 113 4.90 -25.41 -19.93
CA VAL B 113 5.11 -26.74 -19.29
C VAL B 113 5.17 -26.58 -17.77
N GLU B 114 6.04 -25.65 -17.32
CA GLU B 114 6.13 -25.19 -15.91
C GLU B 114 4.71 -24.75 -15.46
N GLU B 115 3.98 -24.03 -16.36
CA GLU B 115 2.60 -23.48 -16.13
C GLU B 115 1.59 -24.62 -15.95
N ALA B 116 1.63 -25.60 -16.85
CA ALA B 116 0.82 -26.83 -16.70
C ALA B 116 1.15 -27.58 -15.40
N GLU B 117 2.42 -27.59 -14.96
CA GLU B 117 2.83 -28.21 -13.65
C GLU B 117 1.96 -27.60 -12.55
N GLN B 118 2.14 -26.27 -12.34
CA GLN B 118 1.42 -25.45 -11.31
C GLN B 118 -0.11 -25.63 -11.48
N LEU B 119 -0.64 -25.55 -12.71
CA LEU B 119 -2.12 -25.49 -12.92
C LEU B 119 -2.79 -26.81 -12.52
N MET B 120 -2.10 -27.92 -12.73
CA MET B 120 -2.70 -29.21 -12.43
C MET B 120 -2.67 -29.49 -10.93
N THR B 121 -1.68 -28.93 -10.23
CA THR B 121 -1.48 -29.22 -8.79
C THR B 121 -2.62 -28.57 -8.02
N LEU B 122 -2.97 -27.37 -8.49
CA LEU B 122 -4.11 -26.58 -8.03
C LEU B 122 -5.41 -27.40 -8.16
N ILE B 123 -5.72 -27.83 -9.39
CA ILE B 123 -7.00 -28.42 -9.67
C ILE B 123 -7.21 -29.69 -8.82
N SER B 124 -6.11 -30.37 -8.47
CA SER B 124 -6.18 -31.56 -7.64
C SER B 124 -6.49 -31.20 -6.19
N ALA B 125 -5.73 -30.24 -5.66
CA ALA B 125 -5.94 -29.71 -4.31
C ALA B 125 -7.38 -29.19 -4.18
N ALA B 126 -7.91 -28.55 -5.22
CA ALA B 126 -9.27 -28.10 -5.20
C ALA B 126 -10.19 -29.33 -5.04
N ARG B 127 -10.03 -30.30 -5.94
CA ARG B 127 -10.85 -31.53 -5.97
C ARG B 127 -10.66 -32.34 -4.67
N GLU B 128 -9.52 -32.17 -4.02
CA GLU B 128 -9.16 -32.86 -2.76
C GLU B 128 -10.04 -32.35 -1.62
N TYR B 129 -10.35 -31.05 -1.61
CA TYR B 129 -11.00 -30.38 -0.50
C TYR B 129 -12.50 -30.14 -0.79
N GLU B 130 -13.02 -30.69 -1.88
CA GLU B 130 -14.47 -30.70 -2.14
C GLU B 130 -14.95 -29.34 -2.70
N ILE B 131 -14.05 -28.63 -3.40
CA ILE B 131 -14.38 -27.30 -3.97
C ILE B 131 -14.44 -27.42 -5.50
N GLU B 132 -15.61 -27.08 -6.06
CA GLU B 132 -15.79 -27.06 -7.51
C GLU B 132 -14.91 -25.95 -8.10
N PHE B 133 -13.95 -26.35 -8.93
CA PHE B 133 -13.02 -25.44 -9.57
C PHE B 133 -13.51 -25.02 -10.96
N ILE B 134 -13.61 -23.70 -11.22
CA ILE B 134 -14.04 -23.22 -12.54
C ILE B 134 -12.89 -22.47 -13.22
N TYR B 135 -12.59 -22.85 -14.48
CA TYR B 135 -11.67 -22.09 -15.33
C TYR B 135 -12.45 -21.08 -16.18
N ALA B 136 -11.97 -19.82 -16.16
CA ALA B 136 -12.62 -18.70 -16.84
C ALA B 136 -11.68 -18.20 -17.93
N ILE B 137 -12.23 -17.47 -18.92
CA ILE B 137 -11.40 -16.94 -20.03
C ILE B 137 -12.05 -15.71 -20.69
N SER B 138 -11.25 -14.68 -21.07
CA SER B 138 -11.80 -13.38 -21.53
C SER B 138 -11.18 -12.94 -22.85
N PRO B 139 -11.75 -13.41 -23.98
CA PRO B 139 -11.34 -12.93 -25.29
C PRO B 139 -12.27 -11.79 -25.72
N GLY B 140 -11.78 -10.59 -26.01
CA GLY B 140 -12.77 -9.55 -26.21
C GLY B 140 -12.25 -8.38 -26.99
N LEU B 141 -11.31 -7.71 -26.35
CA LEU B 141 -10.46 -6.75 -26.99
C LEU B 141 -9.97 -7.28 -28.35
N ASP B 142 -9.51 -8.53 -28.37
CA ASP B 142 -8.67 -9.08 -29.41
C ASP B 142 -9.50 -9.77 -30.50
N ILE B 143 -10.50 -10.54 -30.08
CA ILE B 143 -11.08 -11.63 -30.88
C ILE B 143 -11.91 -11.07 -32.04
N THR B 144 -11.94 -11.88 -33.11
CA THR B 144 -12.74 -11.69 -34.33
C THR B 144 -13.75 -12.85 -34.45
N PHE B 145 -15.00 -12.60 -34.04
CA PHE B 145 -15.98 -13.66 -33.63
C PHE B 145 -16.35 -14.58 -34.80
N SER B 146 -16.44 -13.97 -35.99
CA SER B 146 -16.97 -14.57 -37.24
C SER B 146 -16.00 -15.60 -37.82
N ASN B 147 -14.71 -15.23 -37.95
CA ASN B 147 -13.61 -16.06 -38.52
C ASN B 147 -13.42 -17.36 -37.70
N PRO B 148 -13.58 -18.56 -38.30
CA PRO B 148 -13.72 -19.79 -37.51
C PRO B 148 -12.38 -20.36 -37.04
N LYS B 149 -11.26 -19.80 -37.54
CA LYS B 149 -9.95 -20.18 -37.05
C LYS B 149 -9.85 -19.75 -35.58
N GLU B 150 -10.39 -18.54 -35.36
CA GLU B 150 -10.48 -17.85 -34.09
C GLU B 150 -11.20 -18.74 -33.06
N VAL B 151 -12.37 -19.25 -33.46
CA VAL B 151 -13.15 -20.12 -32.61
C VAL B 151 -12.37 -21.40 -32.30
N SER B 152 -11.67 -21.96 -33.30
CA SER B 152 -10.91 -23.22 -33.11
C SER B 152 -9.86 -23.03 -32.00
N THR B 153 -9.18 -21.88 -32.04
CA THR B 153 -8.14 -21.57 -31.08
C THR B 153 -8.73 -21.68 -29.67
N LEU B 154 -9.94 -21.09 -29.53
CA LEU B 154 -10.60 -20.98 -28.26
C LEU B 154 -10.94 -22.38 -27.75
N LYS B 155 -11.46 -23.24 -28.62
CA LYS B 155 -11.83 -24.61 -28.24
C LYS B 155 -10.60 -25.43 -27.83
N ARG B 156 -9.50 -25.25 -28.57
CA ARG B 156 -8.28 -26.01 -28.34
C ARG B 156 -7.84 -25.74 -26.91
N LYS B 157 -7.80 -24.43 -26.60
CA LYS B 157 -7.30 -23.94 -25.35
C LYS B 157 -8.07 -24.56 -24.17
N LEU B 158 -9.39 -24.41 -24.18
CA LEU B 158 -10.20 -24.91 -23.08
C LEU B 158 -10.08 -26.43 -22.98
N ASP B 159 -9.69 -27.10 -24.08
CA ASP B 159 -9.45 -28.53 -24.07
C ASP B 159 -8.12 -28.80 -23.36
N GLN B 160 -7.14 -27.90 -23.49
CA GLN B 160 -5.88 -28.01 -22.70
C GLN B 160 -6.17 -27.97 -21.18
N VAL B 161 -7.03 -27.04 -20.76
CA VAL B 161 -7.33 -26.84 -19.35
C VAL B 161 -8.19 -28.02 -18.88
N SER B 162 -8.99 -28.53 -19.82
CA SER B 162 -9.81 -29.72 -19.61
C SER B 162 -8.88 -30.89 -19.27
N GLN B 163 -7.76 -30.94 -20.02
CA GLN B 163 -6.67 -31.96 -19.91
C GLN B 163 -6.05 -31.90 -18.52
N PHE B 164 -5.69 -30.70 -18.06
CA PHE B 164 -5.17 -30.50 -16.71
C PHE B 164 -6.13 -31.07 -15.65
N GLY B 165 -7.44 -31.16 -16.00
CA GLY B 165 -8.43 -31.95 -15.26
C GLY B 165 -9.57 -31.11 -14.68
N CYS B 166 -9.86 -29.98 -15.31
CA CYS B 166 -10.90 -29.12 -14.83
C CYS B 166 -12.17 -29.51 -15.59
N ARG B 167 -13.33 -29.50 -14.92
CA ARG B 167 -14.59 -30.05 -15.49
C ARG B 167 -15.62 -28.94 -15.76
N SER B 168 -15.54 -27.81 -15.04
CA SER B 168 -16.49 -26.68 -15.09
C SER B 168 -15.78 -25.45 -15.67
N PHE B 169 -16.50 -24.58 -16.40
CA PHE B 169 -15.85 -23.52 -17.24
C PHE B 169 -16.68 -22.23 -17.32
N ALA B 170 -16.11 -21.21 -17.97
CA ALA B 170 -16.67 -19.86 -17.95
C ALA B 170 -15.99 -18.95 -18.99
N LEU B 171 -16.84 -18.23 -19.74
CA LEU B 171 -16.46 -17.12 -20.64
C LEU B 171 -16.95 -15.77 -20.09
N LEU B 172 -16.11 -14.73 -20.17
CA LEU B 172 -16.52 -13.38 -19.75
C LEU B 172 -16.27 -12.35 -20.87
N PHE B 173 -17.29 -11.54 -21.08
CA PHE B 173 -17.20 -10.41 -21.98
C PHE B 173 -17.36 -9.15 -21.13
N ASP B 174 -16.56 -9.08 -20.05
CA ASP B 174 -16.66 -8.01 -19.07
C ASP B 174 -15.62 -6.95 -19.41
N ASP B 175 -16.04 -5.67 -19.40
CA ASP B 175 -15.13 -4.51 -19.53
C ASP B 175 -14.48 -4.49 -20.92
N ILE B 176 -15.21 -4.88 -21.95
CA ILE B 176 -14.70 -4.83 -23.33
C ILE B 176 -15.37 -3.65 -24.05
N ASP B 177 -15.22 -3.60 -25.38
CA ASP B 177 -15.75 -2.54 -26.23
C ASP B 177 -17.08 -2.97 -26.87
N HIS B 178 -18.00 -2.00 -27.09
CA HIS B 178 -19.34 -2.23 -27.69
C HIS B 178 -19.24 -2.63 -29.17
N ASN B 179 -18.12 -2.29 -29.83
CA ASN B 179 -17.98 -2.22 -31.31
C ASN B 179 -17.29 -3.45 -31.88
N MET B 180 -17.88 -4.00 -32.96
CA MET B 180 -17.31 -5.12 -33.68
C MET B 180 -16.51 -4.58 -34.88
N CYS B 181 -15.52 -5.37 -35.31
CA CYS B 181 -14.87 -5.21 -36.61
C CYS B 181 -15.93 -5.33 -37.70
N ALA B 182 -15.75 -4.60 -38.80
CA ALA B 182 -16.75 -4.59 -39.89
C ALA B 182 -17.03 -6.04 -40.32
N ALA B 183 -15.95 -6.83 -40.40
CA ALA B 183 -15.97 -8.25 -40.78
C ALA B 183 -17.05 -9.03 -40.04
N ASP B 184 -17.16 -8.78 -38.72
CA ASP B 184 -18.07 -9.49 -37.79
C ASP B 184 -19.50 -8.92 -37.90
N LYS B 185 -19.59 -7.59 -38.08
CA LYS B 185 -20.85 -6.86 -38.26
C LYS B 185 -21.59 -7.36 -39.51
N GLU B 186 -20.83 -7.89 -40.48
CA GLU B 186 -21.37 -8.46 -41.69
C GLU B 186 -22.00 -9.83 -41.44
N VAL B 187 -21.72 -10.45 -40.29
CA VAL B 187 -22.30 -11.77 -39.99
C VAL B 187 -23.40 -11.65 -38.92
N PHE B 188 -23.25 -10.71 -37.98
CA PHE B 188 -24.01 -10.68 -36.73
C PHE B 188 -24.81 -9.37 -36.59
N SER B 189 -26.11 -9.51 -36.27
CA SER B 189 -27.04 -8.37 -36.05
C SER B 189 -26.51 -7.46 -34.95
N SER B 190 -26.27 -8.07 -33.79
CA SER B 190 -26.03 -7.41 -32.51
C SER B 190 -24.68 -7.85 -31.96
N PHE B 191 -24.08 -6.99 -31.13
CA PHE B 191 -22.93 -7.37 -30.33
C PHE B 191 -23.28 -8.63 -29.51
N ALA B 192 -24.49 -8.67 -28.96
CA ALA B 192 -24.93 -9.78 -28.08
C ALA B 192 -25.06 -11.08 -28.89
N HIS B 193 -25.66 -10.97 -30.08
CA HIS B 193 -25.78 -12.12 -30.99
C HIS B 193 -24.40 -12.77 -31.13
N ALA B 194 -23.38 -11.91 -31.30
CA ALA B 194 -22.00 -12.35 -31.50
C ALA B 194 -21.59 -13.26 -30.34
N GLN B 195 -21.65 -12.71 -29.13
CA GLN B 195 -21.17 -13.38 -27.94
C GLN B 195 -21.93 -14.71 -27.75
N VAL B 196 -23.27 -14.61 -27.75
CA VAL B 196 -24.14 -15.77 -27.56
C VAL B 196 -23.77 -16.87 -28.56
N SER B 197 -23.49 -16.46 -29.81
CA SER B 197 -23.25 -17.38 -30.94
C SER B 197 -22.14 -18.37 -30.58
N ILE B 198 -21.03 -17.83 -30.08
CA ILE B 198 -19.83 -18.63 -29.90
C ILE B 198 -19.79 -19.19 -28.48
N THR B 199 -20.47 -18.52 -27.54
CA THR B 199 -20.62 -19.07 -26.19
C THR B 199 -21.35 -20.41 -26.26
N ASN B 200 -22.50 -20.39 -26.92
CA ASN B 200 -23.31 -21.57 -27.15
C ASN B 200 -22.47 -22.66 -27.83
N GLU B 201 -21.75 -22.29 -28.89
CA GLU B 201 -21.03 -23.27 -29.71
C GLU B 201 -19.98 -24.00 -28.87
N ILE B 202 -19.25 -23.24 -28.04
CA ILE B 202 -18.27 -23.78 -27.12
C ILE B 202 -18.98 -24.67 -26.09
N TYR B 203 -20.09 -24.19 -25.52
CA TYR B 203 -20.83 -24.93 -24.48
C TYR B 203 -21.08 -26.38 -24.89
N GLN B 204 -21.48 -26.53 -26.17
CA GLN B 204 -21.85 -27.81 -26.77
C GLN B 204 -20.57 -28.60 -27.01
N TYR B 205 -19.62 -27.97 -27.71
CA TYR B 205 -18.35 -28.60 -28.04
C TYR B 205 -17.74 -29.34 -26.84
N LEU B 206 -17.81 -28.76 -25.63
CA LEU B 206 -17.20 -29.36 -24.41
C LEU B 206 -18.16 -30.36 -23.74
N GLY B 207 -19.29 -30.64 -24.40
CA GLY B 207 -20.24 -31.66 -23.97
C GLY B 207 -21.11 -31.19 -22.82
N GLU B 208 -21.70 -29.98 -23.00
CA GLU B 208 -22.76 -29.38 -22.15
C GLU B 208 -22.50 -29.76 -20.69
N PRO B 209 -21.40 -29.23 -20.09
CA PRO B 209 -21.00 -29.60 -18.73
C PRO B 209 -21.93 -28.99 -17.67
N GLU B 210 -21.93 -29.60 -16.49
CA GLU B 210 -22.91 -29.23 -15.47
C GLU B 210 -22.82 -27.73 -15.18
N THR B 211 -21.60 -27.27 -14.90
CA THR B 211 -21.38 -25.89 -14.52
C THR B 211 -20.66 -25.14 -15.64
N PHE B 212 -21.27 -24.04 -16.08
CA PHE B 212 -20.73 -23.19 -17.16
C PHE B 212 -21.32 -21.77 -17.02
N LEU B 213 -20.45 -20.73 -16.97
CA LEU B 213 -20.88 -19.35 -16.69
C LEU B 213 -20.55 -18.42 -17.87
N PHE B 214 -21.42 -17.42 -18.09
CA PHE B 214 -21.26 -16.34 -19.05
C PHE B 214 -21.45 -15.01 -18.31
N CYS B 215 -20.47 -14.11 -18.40
CA CYS B 215 -20.55 -12.81 -17.75
C CYS B 215 -20.79 -11.77 -18.84
N PRO B 216 -21.96 -11.10 -18.85
CA PRO B 216 -22.34 -10.23 -19.96
C PRO B 216 -21.59 -8.91 -19.84
N THR B 217 -21.45 -8.18 -20.96
CA THR B 217 -20.83 -6.85 -20.99
C THR B 217 -21.62 -5.91 -20.06
N GLU B 218 -22.94 -6.03 -20.16
CA GLU B 218 -23.87 -5.30 -19.34
C GLU B 218 -24.11 -6.15 -18.10
N TYR B 219 -23.20 -6.02 -17.12
CA TYR B 219 -23.11 -6.94 -15.95
C TYR B 219 -23.68 -6.33 -14.66
N CYS B 220 -24.24 -5.11 -14.76
CA CYS B 220 -24.98 -4.50 -13.67
C CYS B 220 -25.90 -3.42 -14.24
N GLY B 221 -26.78 -2.91 -13.37
CA GLY B 221 -27.85 -1.96 -13.71
C GLY B 221 -27.36 -0.75 -14.50
N THR B 222 -26.41 -0.01 -13.92
CA THR B 222 -25.96 1.25 -14.49
C THR B 222 -25.25 1.03 -15.84
N PHE B 223 -25.11 -0.23 -16.30
CA PHE B 223 -24.35 -0.62 -17.53
C PHE B 223 -25.28 -1.17 -18.63
N CYS B 224 -26.60 -1.17 -18.41
CA CYS B 224 -27.53 -1.63 -19.45
C CYS B 224 -28.07 -0.42 -20.22
N TYR B 225 -28.02 -0.50 -21.56
CA TYR B 225 -28.49 0.57 -22.43
C TYR B 225 -29.85 0.19 -23.03
N PRO B 226 -30.89 1.02 -22.75
CA PRO B 226 -30.83 2.22 -21.91
C PRO B 226 -31.17 2.02 -20.41
N ASN B 227 -31.91 0.96 -20.10
CA ASN B 227 -32.22 0.52 -18.76
C ASN B 227 -32.36 -1.00 -18.76
N VAL B 228 -32.32 -1.61 -17.57
CA VAL B 228 -32.25 -3.07 -17.40
C VAL B 228 -33.35 -3.74 -18.23
N SER B 229 -34.57 -3.19 -18.10
CA SER B 229 -35.84 -3.89 -18.42
C SER B 229 -36.06 -3.99 -19.93
N GLN B 230 -35.48 -3.07 -20.72
CA GLN B 230 -35.65 -2.99 -22.18
C GLN B 230 -34.29 -2.95 -22.90
N SER B 231 -33.22 -3.51 -22.31
CA SER B 231 -31.90 -3.53 -22.98
C SER B 231 -31.96 -4.55 -24.11
N PRO B 232 -31.68 -4.12 -25.37
CA PRO B 232 -31.82 -5.03 -26.51
C PRO B 232 -30.78 -6.17 -26.33
N TYR B 233 -29.63 -5.82 -25.73
CA TYR B 233 -28.51 -6.73 -25.48
C TYR B 233 -28.94 -7.83 -24.50
N LEU B 234 -29.45 -7.44 -23.34
CA LEU B 234 -29.77 -8.40 -22.33
C LEU B 234 -30.94 -9.26 -22.78
N ARG B 235 -31.76 -8.74 -23.69
CA ARG B 235 -32.89 -9.50 -24.25
C ARG B 235 -32.32 -10.69 -25.02
N THR B 236 -31.44 -10.37 -26.00
CA THR B 236 -30.82 -11.34 -26.91
C THR B 236 -30.21 -12.47 -26.09
N VAL B 237 -29.34 -12.09 -25.15
CA VAL B 237 -28.71 -12.99 -24.18
C VAL B 237 -29.80 -13.89 -23.58
N GLY B 238 -30.78 -13.29 -22.91
CA GLY B 238 -31.91 -14.00 -22.33
C GLY B 238 -32.49 -15.03 -23.29
N GLU B 239 -32.87 -14.58 -24.51
CA GLU B 239 -33.62 -15.40 -25.50
C GLU B 239 -32.75 -16.57 -25.97
N LYS B 240 -31.51 -16.26 -26.39
CA LYS B 240 -30.68 -17.13 -27.27
C LYS B 240 -29.55 -17.87 -26.52
N LEU B 241 -29.05 -17.37 -25.39
CA LEU B 241 -28.09 -18.17 -24.57
C LEU B 241 -28.78 -19.49 -24.20
N LEU B 242 -28.04 -20.61 -24.19
CA LEU B 242 -28.67 -21.88 -23.87
C LEU B 242 -29.08 -21.93 -22.40
N PRO B 243 -30.09 -22.75 -22.04
CA PRO B 243 -30.69 -22.69 -20.71
C PRO B 243 -29.83 -23.19 -19.54
N GLY B 244 -28.85 -24.05 -19.85
CA GLY B 244 -27.96 -24.63 -18.86
C GLY B 244 -26.81 -23.70 -18.48
N ILE B 245 -26.47 -22.77 -19.38
CA ILE B 245 -25.46 -21.71 -19.15
C ILE B 245 -26.05 -20.66 -18.19
N GLU B 246 -25.30 -20.32 -17.11
CA GLU B 246 -25.73 -19.37 -16.09
C GLU B 246 -25.12 -17.98 -16.36
N VAL B 247 -25.80 -16.93 -15.86
CA VAL B 247 -25.38 -15.55 -16.04
C VAL B 247 -24.93 -14.94 -14.70
N LEU B 248 -23.80 -14.22 -14.81
CA LEU B 248 -23.18 -13.49 -13.73
C LEU B 248 -23.68 -12.03 -13.77
N TRP B 249 -23.98 -11.50 -12.58
CA TRP B 249 -24.58 -10.17 -12.36
C TRP B 249 -23.94 -9.55 -11.10
N THR B 250 -23.48 -8.28 -11.17
CA THR B 250 -22.81 -7.65 -10.00
C THR B 250 -23.78 -6.78 -9.20
N GLY B 251 -25.06 -6.83 -9.56
CA GLY B 251 -26.14 -6.11 -8.88
C GLY B 251 -26.59 -4.87 -9.64
N PRO B 252 -27.21 -3.87 -8.98
CA PRO B 252 -27.62 -2.63 -9.63
C PRO B 252 -26.47 -1.68 -10.02
N LYS B 253 -25.33 -1.79 -9.34
CA LYS B 253 -24.13 -1.03 -9.69
C LYS B 253 -23.00 -2.02 -9.92
N VAL B 254 -21.78 -1.53 -10.16
CA VAL B 254 -20.60 -2.39 -10.29
C VAL B 254 -20.19 -2.88 -8.90
N VAL B 255 -20.00 -1.90 -8.02
CA VAL B 255 -19.76 -2.13 -6.60
C VAL B 255 -21.00 -1.72 -5.80
N SER B 256 -21.96 -2.63 -5.80
CA SER B 256 -23.32 -2.31 -5.40
C SER B 256 -23.44 -2.34 -3.87
N LYS B 257 -23.76 -1.19 -3.26
CA LYS B 257 -23.89 -1.09 -1.79
C LYS B 257 -25.04 -1.97 -1.26
N GLU B 258 -26.18 -1.97 -1.97
CA GLU B 258 -27.32 -2.85 -1.67
C GLU B 258 -27.74 -3.59 -2.94
N ILE B 259 -28.34 -4.77 -2.78
CA ILE B 259 -28.87 -5.57 -3.90
C ILE B 259 -30.35 -5.85 -3.64
N PRO B 260 -31.23 -4.95 -4.12
CA PRO B 260 -32.64 -4.98 -3.74
C PRO B 260 -33.25 -6.22 -4.38
N VAL B 261 -34.26 -6.77 -3.71
CA VAL B 261 -34.86 -8.01 -4.11
C VAL B 261 -35.56 -7.79 -5.46
N GLU B 262 -36.12 -6.60 -5.61
CA GLU B 262 -36.82 -6.20 -6.82
C GLU B 262 -35.80 -6.02 -7.95
N SER B 263 -34.55 -5.61 -7.63
CA SER B 263 -33.42 -5.63 -8.59
C SER B 263 -33.42 -7.01 -9.24
N ILE B 264 -33.28 -8.06 -8.42
CA ILE B 264 -33.06 -9.40 -8.93
C ILE B 264 -34.31 -9.85 -9.70
N GLU B 265 -35.51 -9.54 -9.17
CA GLU B 265 -36.78 -9.91 -9.83
C GLU B 265 -36.82 -9.36 -11.26
N GLU B 266 -36.28 -8.14 -11.46
CA GLU B 266 -36.22 -7.46 -12.78
C GLU B 266 -35.27 -8.22 -13.71
N VAL B 267 -33.98 -8.24 -13.37
CA VAL B 267 -32.97 -8.80 -14.27
C VAL B 267 -33.22 -10.29 -14.51
N SER B 268 -33.75 -11.02 -13.51
CA SER B 268 -34.15 -12.46 -13.66
C SER B 268 -35.07 -12.60 -14.89
N LYS B 269 -36.04 -11.69 -15.01
CA LYS B 269 -37.18 -11.83 -15.93
C LYS B 269 -36.73 -11.66 -17.38
N ILE B 270 -35.72 -10.81 -17.62
CA ILE B 270 -35.26 -10.49 -18.99
C ILE B 270 -34.21 -11.52 -19.49
N ILE B 271 -33.48 -12.17 -18.57
CA ILE B 271 -32.48 -13.15 -18.95
C ILE B 271 -33.05 -14.57 -18.77
N LYS B 272 -34.29 -14.67 -18.29
CA LYS B 272 -35.06 -15.96 -18.24
C LYS B 272 -34.43 -16.98 -17.28
N ARG B 273 -33.72 -16.51 -16.24
CA ARG B 273 -33.01 -17.37 -15.33
C ARG B 273 -32.45 -16.53 -14.18
N ALA B 274 -32.50 -17.12 -12.98
CA ALA B 274 -31.99 -16.48 -11.77
C ALA B 274 -30.47 -16.50 -11.84
N PRO B 275 -29.83 -15.31 -11.69
CA PRO B 275 -28.41 -15.17 -12.02
C PRO B 275 -27.53 -15.68 -10.88
N VAL B 276 -26.22 -15.69 -11.12
CA VAL B 276 -25.21 -15.90 -10.08
C VAL B 276 -24.54 -14.56 -9.80
N ILE B 277 -24.54 -14.12 -8.54
CA ILE B 277 -23.97 -12.84 -8.19
C ILE B 277 -22.45 -13.02 -8.04
N TRP B 278 -21.74 -12.33 -8.93
CA TRP B 278 -20.36 -11.87 -8.77
C TRP B 278 -20.45 -10.61 -7.91
N ASP B 279 -19.91 -10.64 -6.71
CA ASP B 279 -20.20 -9.60 -5.77
C ASP B 279 -18.92 -8.80 -5.49
N ASN B 280 -18.84 -7.58 -6.05
CA ASN B 280 -17.64 -6.75 -5.99
C ASN B 280 -17.56 -5.94 -4.67
N ILE B 281 -18.43 -6.25 -3.69
CA ILE B 281 -18.55 -5.43 -2.46
C ILE B 281 -17.21 -5.11 -1.77
N HIS B 282 -16.50 -6.17 -1.34
CA HIS B 282 -15.22 -6.05 -0.59
C HIS B 282 -14.02 -5.96 -1.54
N ALA B 283 -14.27 -6.05 -2.85
CA ALA B 283 -13.22 -5.82 -3.81
C ALA B 283 -12.60 -4.46 -3.53
N ASN B 284 -11.29 -4.33 -3.84
CA ASN B 284 -10.52 -3.07 -3.65
C ASN B 284 -9.61 -2.73 -4.87
N ASP B 285 -9.91 -3.29 -6.05
CA ASP B 285 -9.17 -2.98 -7.28
C ASP B 285 -9.79 -1.81 -8.06
N TYR B 286 -10.42 -0.80 -7.42
CA TYR B 286 -11.12 0.24 -8.24
C TYR B 286 -10.50 1.64 -8.10
N ASP B 287 -10.46 2.24 -6.90
CA ASP B 287 -10.17 3.69 -6.88
C ASP B 287 -8.82 3.86 -6.21
N GLN B 288 -8.70 4.80 -5.28
CA GLN B 288 -7.67 4.72 -4.30
C GLN B 288 -7.87 3.47 -3.45
N LYS B 289 -6.72 3.05 -2.91
CA LYS B 289 -6.58 1.76 -2.33
C LYS B 289 -7.10 1.83 -0.90
N ARG B 290 -8.11 1.03 -0.58
CA ARG B 290 -8.55 0.91 0.80
C ARG B 290 -8.71 -0.57 1.13
N LEU B 291 -8.94 -0.86 2.41
CA LEU B 291 -9.01 -2.24 2.89
C LEU B 291 -10.37 -2.50 3.55
N PHE B 292 -11.04 -3.62 3.24
CA PHE B 292 -12.39 -3.85 3.70
C PHE B 292 -12.50 -5.18 4.50
N LEU B 293 -12.36 -5.02 5.82
CA LEU B 293 -12.49 -6.10 6.80
C LEU B 293 -13.90 -6.15 7.39
N GLY B 294 -14.85 -5.42 6.82
CA GLY B 294 -16.22 -5.41 7.33
C GLY B 294 -16.96 -6.68 6.91
N PRO B 295 -18.16 -6.91 7.48
CA PRO B 295 -18.99 -8.07 7.15
C PRO B 295 -19.73 -8.00 5.81
N TYR B 296 -20.30 -9.14 5.40
CA TYR B 296 -21.20 -9.21 4.26
C TYR B 296 -22.46 -8.46 4.68
N LYS B 297 -22.84 -7.44 3.90
CA LYS B 297 -23.97 -6.64 4.29
C LYS B 297 -24.58 -5.98 3.05
N GLY B 298 -25.92 -5.88 3.07
CA GLY B 298 -26.63 -5.11 2.10
C GLY B 298 -27.42 -5.99 1.16
N ARG B 299 -27.30 -7.30 1.37
CA ARG B 299 -28.10 -8.25 0.61
C ARG B 299 -28.92 -9.03 1.64
N SER B 300 -30.23 -9.10 1.35
CA SER B 300 -31.22 -9.81 2.16
C SER B 300 -31.02 -11.34 2.07
N THR B 301 -31.37 -12.08 3.13
CA THR B 301 -31.37 -13.54 3.07
C THR B 301 -32.50 -13.99 2.14
N GLU B 302 -33.34 -13.03 1.77
CA GLU B 302 -34.42 -13.29 0.86
C GLU B 302 -33.87 -13.54 -0.55
N LEU B 303 -32.66 -13.04 -0.85
CA LEU B 303 -32.12 -13.19 -2.18
C LEU B 303 -31.90 -14.68 -2.50
N ILE B 304 -31.67 -15.47 -1.46
CA ILE B 304 -31.01 -16.73 -1.63
C ILE B 304 -31.87 -17.67 -2.47
N PRO B 305 -33.16 -17.80 -2.12
CA PRO B 305 -34.08 -18.57 -2.96
C PRO B 305 -34.25 -18.06 -4.40
N ARG B 306 -33.77 -16.85 -4.73
CA ARG B 306 -33.97 -16.26 -6.06
C ARG B 306 -32.66 -16.20 -6.85
N LEU B 307 -31.67 -17.00 -6.41
CA LEU B 307 -30.29 -16.99 -6.91
C LEU B 307 -29.79 -18.42 -7.15
N LYS B 308 -28.97 -18.58 -8.19
CA LYS B 308 -28.18 -19.80 -8.42
C LYS B 308 -26.81 -19.71 -7.75
N GLY B 309 -26.43 -18.53 -7.24
CA GLY B 309 -25.21 -18.46 -6.46
C GLY B 309 -24.74 -17.05 -6.10
N VAL B 310 -23.74 -17.03 -5.21
CA VAL B 310 -23.03 -15.85 -4.82
C VAL B 310 -21.54 -16.21 -4.71
N LEU B 311 -20.73 -15.53 -5.53
CA LEU B 311 -19.27 -15.64 -5.55
C LEU B 311 -18.65 -14.27 -5.23
N THR B 312 -18.11 -14.09 -4.00
CA THR B 312 -17.49 -12.80 -3.56
C THR B 312 -16.09 -12.69 -4.20
N ASN B 313 -15.84 -11.50 -4.76
CA ASN B 313 -14.60 -11.03 -5.34
C ASN B 313 -14.03 -9.98 -4.39
N PRO B 314 -13.06 -10.33 -3.54
CA PRO B 314 -12.61 -9.44 -2.47
C PRO B 314 -11.27 -8.68 -2.58
N ASN B 315 -10.72 -8.29 -1.42
CA ASN B 315 -9.51 -7.48 -1.37
C ASN B 315 -8.36 -8.25 -2.03
N CYS B 316 -7.55 -7.52 -2.78
CA CYS B 316 -6.36 -8.05 -3.42
C CYS B 316 -5.47 -8.72 -2.37
N GLU B 317 -5.27 -8.07 -1.23
CA GLU B 317 -4.44 -8.61 -0.16
C GLU B 317 -5.13 -9.87 0.35
N PHE B 318 -4.44 -11.01 0.39
CA PHE B 318 -5.14 -12.33 0.60
C PHE B 318 -5.69 -12.50 2.02
N GLU B 319 -4.84 -12.19 3.00
CA GLU B 319 -5.11 -12.41 4.37
C GLU B 319 -6.20 -11.48 4.91
N ALA B 320 -6.72 -10.56 4.08
CA ALA B 320 -7.73 -9.56 4.49
C ALA B 320 -9.16 -10.07 4.22
N ASN B 321 -9.23 -11.29 3.70
CA ASN B 321 -10.47 -11.80 3.16
C ASN B 321 -11.07 -12.88 4.07
N TYR B 322 -10.69 -12.84 5.36
CA TYR B 322 -11.15 -13.81 6.36
C TYR B 322 -12.62 -13.56 6.66
N VAL B 323 -12.89 -12.30 6.99
CA VAL B 323 -14.18 -11.88 7.50
C VAL B 323 -15.14 -11.87 6.30
N ALA B 324 -14.61 -11.40 5.18
CA ALA B 324 -15.32 -11.25 3.94
C ALA B 324 -15.99 -12.57 3.50
N ILE B 325 -15.34 -13.70 3.79
CA ILE B 325 -15.79 -15.03 3.35
C ILE B 325 -16.54 -15.73 4.50
N HIS B 326 -15.98 -15.61 5.71
CA HIS B 326 -16.55 -16.21 6.90
C HIS B 326 -18.00 -15.75 7.12
N THR B 327 -18.25 -14.45 7.01
CA THR B 327 -19.62 -13.92 7.11
C THR B 327 -20.46 -14.34 5.88
N LEU B 328 -19.90 -14.30 4.66
CA LEU B 328 -20.67 -14.77 3.52
C LEU B 328 -21.19 -16.17 3.82
N ALA B 329 -20.37 -16.98 4.51
CA ALA B 329 -20.76 -18.32 4.85
C ALA B 329 -21.98 -18.25 5.76
N THR B 330 -21.83 -17.66 6.96
CA THR B 330 -22.93 -17.53 7.91
C THR B 330 -24.22 -17.08 7.20
N TRP B 331 -24.11 -16.09 6.30
CA TRP B 331 -25.25 -15.52 5.53
C TRP B 331 -25.98 -16.61 4.75
N TYR B 332 -25.25 -17.38 3.94
CA TYR B 332 -25.82 -18.49 3.15
C TYR B 332 -26.44 -19.53 4.09
N LYS B 333 -25.62 -20.07 4.99
CA LYS B 333 -26.02 -21.15 5.91
C LYS B 333 -27.34 -20.80 6.59
N SER B 334 -27.62 -19.50 6.77
CA SER B 334 -28.74 -19.03 7.58
C SER B 334 -30.10 -19.28 6.90
N ASN B 335 -30.13 -19.27 5.57
CA ASN B 335 -31.41 -19.35 4.88
C ASN B 335 -31.22 -20.05 3.55
N MET B 336 -30.51 -21.18 3.55
CA MET B 336 -30.24 -21.96 2.32
C MET B 336 -31.44 -22.87 2.03
N ASN B 337 -32.35 -23.00 3.00
CA ASN B 337 -33.54 -23.85 2.90
C ASN B 337 -34.84 -23.04 2.90
N GLY B 338 -34.72 -21.71 2.81
CA GLY B 338 -35.89 -20.83 2.75
C GLY B 338 -36.64 -21.00 1.44
N VAL B 339 -37.91 -20.59 1.42
CA VAL B 339 -38.72 -20.63 0.22
C VAL B 339 -39.00 -19.19 -0.20
N ARG B 340 -38.99 -18.94 -1.53
CA ARG B 340 -39.27 -17.63 -2.09
C ARG B 340 -40.41 -17.01 -1.27
N LYS B 341 -40.13 -15.87 -0.64
CA LYS B 341 -41.12 -15.08 0.12
C LYS B 341 -41.31 -13.75 -0.61
N ASP B 342 -42.59 -13.36 -0.75
CA ASP B 342 -43.05 -12.48 -1.84
C ASP B 342 -42.86 -10.99 -1.51
N VAL B 343 -41.62 -10.59 -1.14
CA VAL B 343 -41.39 -9.44 -0.21
C VAL B 343 -41.60 -8.06 -0.89
N VAL B 344 -41.74 -7.99 -2.21
CA VAL B 344 -41.82 -6.67 -2.89
C VAL B 344 -43.28 -6.31 -3.23
N MET B 345 -44.24 -6.96 -2.55
CA MET B 345 -45.69 -6.94 -2.92
C MET B 345 -45.83 -6.90 -4.46
N THR B 346 -45.37 -8.01 -5.08
CA THR B 346 -45.65 -8.50 -6.46
C THR B 346 -45.43 -10.02 -6.44
N ASP B 347 -46.51 -10.81 -6.60
CA ASP B 347 -46.46 -12.27 -6.53
C ASP B 347 -46.67 -12.91 -7.88
N VAL B 372 -34.95 -12.93 13.03
CA VAL B 372 -33.86 -13.34 13.93
C VAL B 372 -32.70 -13.92 13.06
N LEU B 373 -32.82 -13.93 11.73
CA LEU B 373 -32.05 -14.88 10.87
C LEU B 373 -30.54 -14.55 10.83
N TYR B 374 -30.17 -13.40 10.30
CA TYR B 374 -28.77 -13.07 10.04
C TYR B 374 -28.48 -11.64 10.44
N SER B 375 -27.50 -11.42 11.31
CA SER B 375 -27.08 -10.05 11.70
C SER B 375 -25.62 -9.81 11.30
N PRO B 376 -25.33 -8.77 10.48
CA PRO B 376 -23.94 -8.45 10.13
C PRO B 376 -23.04 -8.27 11.37
N GLN B 377 -23.60 -7.71 12.46
CA GLN B 377 -22.84 -7.26 13.65
C GLN B 377 -22.48 -8.48 14.50
N MET B 378 -23.28 -9.55 14.34
CA MET B 378 -23.06 -10.81 15.01
C MET B 378 -22.10 -11.67 14.18
N ALA B 379 -22.37 -11.80 12.88
CA ALA B 379 -21.56 -12.65 11.99
C ALA B 379 -20.11 -12.19 12.01
N LEU B 380 -19.95 -10.87 12.19
CA LEU B 380 -18.66 -10.22 12.33
C LEU B 380 -18.03 -10.69 13.64
N LYS B 381 -18.79 -10.63 14.73
CA LYS B 381 -18.22 -10.98 16.03
C LYS B 381 -17.76 -12.45 16.00
N LEU B 382 -18.53 -13.34 15.36
CA LEU B 382 -18.06 -14.73 15.24
C LEU B 382 -16.74 -14.78 14.47
N ALA B 383 -16.71 -14.19 13.28
CA ALA B 383 -15.55 -14.24 12.40
C ALA B 383 -14.27 -13.73 13.13
N LEU B 384 -14.39 -12.65 13.90
CA LEU B 384 -13.23 -12.07 14.54
C LEU B 384 -12.74 -12.97 15.68
N THR B 385 -13.66 -13.54 16.47
CA THR B 385 -13.27 -14.45 17.55
C THR B 385 -12.50 -15.63 16.92
N GLU B 386 -13.00 -16.15 15.80
CA GLU B 386 -12.36 -17.28 15.11
C GLU B 386 -11.02 -16.81 14.48
N TRP B 387 -10.96 -15.60 13.90
CA TRP B 387 -9.73 -15.00 13.26
C TRP B 387 -8.52 -15.07 14.21
N LEU B 388 -8.81 -14.75 15.48
CA LEU B 388 -7.88 -14.74 16.59
C LEU B 388 -6.96 -15.97 16.57
N GLN B 389 -7.53 -17.11 16.18
CA GLN B 389 -6.81 -18.37 16.21
C GLN B 389 -5.68 -18.35 15.18
N GLU B 390 -5.81 -17.55 14.10
CA GLU B 390 -4.77 -17.56 13.02
C GLU B 390 -3.64 -16.56 13.30
N PHE B 391 -3.81 -15.68 14.29
CA PHE B 391 -2.77 -14.72 14.65
C PHE B 391 -1.74 -15.45 15.52
N GLY B 392 -2.17 -16.50 16.20
CA GLY B 392 -1.25 -17.31 16.97
C GLY B 392 -0.66 -16.54 18.12
N VAL B 393 0.24 -17.21 18.83
CA VAL B 393 0.71 -16.75 20.11
C VAL B 393 1.82 -15.71 19.88
N PRO B 394 2.06 -14.77 20.80
CA PRO B 394 3.26 -13.93 20.73
C PRO B 394 4.59 -14.54 21.19
N HIS B 395 5.67 -13.78 21.07
CA HIS B 395 7.00 -14.24 21.41
C HIS B 395 7.16 -14.42 22.94
N GLU B 536 18.85 -22.29 31.26
CA GLU B 536 18.19 -21.36 32.18
C GLU B 536 18.13 -19.95 31.58
N GLN B 537 17.12 -19.17 32.00
CA GLN B 537 16.87 -17.79 31.56
C GLN B 537 17.53 -16.80 32.54
N PHE B 538 17.46 -15.51 32.19
CA PHE B 538 17.87 -14.34 33.03
C PHE B 538 16.61 -13.72 33.64
N VAL B 539 16.70 -13.35 34.93
CA VAL B 539 15.58 -12.74 35.67
C VAL B 539 16.03 -11.45 36.35
N PRO B 540 15.54 -10.27 35.92
CA PRO B 540 16.03 -9.00 36.46
C PRO B 540 15.55 -8.80 37.90
N GLY B 541 16.43 -8.28 38.78
CA GLY B 541 16.08 -7.89 40.18
C GLY B 541 14.93 -6.90 40.22
N PRO B 542 14.45 -6.43 41.40
CA PRO B 542 13.39 -5.44 41.44
C PRO B 542 13.81 -4.01 41.05
N ASN B 543 15.12 -3.75 40.89
CA ASN B 543 15.67 -2.43 40.46
C ASN B 543 16.52 -2.52 39.17
N GLU B 544 16.46 -3.68 38.52
CA GLU B 544 17.06 -3.88 37.22
C GLU B 544 15.99 -3.53 36.16
N LYS B 545 16.40 -3.35 34.89
CA LYS B 545 15.45 -3.00 33.85
C LYS B 545 14.65 -4.23 33.45
N PRO B 546 13.32 -4.05 33.28
CA PRO B 546 12.41 -5.17 33.19
C PRO B 546 12.30 -5.61 31.72
N LEU B 547 12.14 -6.92 31.52
CA LEU B 547 12.29 -7.53 30.22
C LEU B 547 11.20 -7.03 29.28
N TYR B 548 11.60 -6.79 28.04
CA TYR B 548 10.67 -6.52 26.99
C TYR B 548 9.71 -7.70 26.97
N THR B 549 8.43 -7.39 26.86
CA THR B 549 7.46 -8.45 26.67
C THR B 549 6.40 -8.09 25.62
N ALA B 550 5.94 -9.18 25.02
CA ALA B 550 5.02 -9.26 23.96
C ALA B 550 3.67 -9.68 24.53
N GLU B 551 2.63 -8.90 24.27
CA GLU B 551 1.31 -9.34 24.65
C GLU B 551 0.61 -9.96 23.44
N PRO B 552 -0.48 -10.72 23.68
CA PRO B 552 -1.24 -11.34 22.60
C PRO B 552 -2.20 -10.31 22.03
N VAL B 553 -2.60 -10.53 20.79
CA VAL B 553 -3.75 -9.84 20.28
C VAL B 553 -4.96 -10.23 21.12
N THR B 554 -5.79 -9.24 21.44
CA THR B 554 -7.07 -9.37 22.15
C THR B 554 -8.16 -9.63 21.10
N LEU B 555 -9.39 -9.86 21.56
CA LEU B 555 -10.54 -9.78 20.66
C LEU B 555 -10.78 -8.31 20.30
N GLU B 556 -10.79 -7.45 21.34
CA GLU B 556 -11.18 -6.02 21.27
C GLU B 556 -10.32 -5.32 20.20
N ASP B 557 -9.06 -5.80 20.09
CA ASP B 557 -8.09 -5.41 19.10
C ASP B 557 -8.70 -5.60 17.69
N LEU B 558 -8.98 -6.85 17.34
CA LEU B 558 -9.53 -7.13 16.03
C LEU B 558 -10.82 -6.30 15.78
N GLN B 559 -11.65 -6.15 16.83
CA GLN B 559 -12.94 -5.49 16.70
C GLN B 559 -12.73 -4.03 16.29
N LEU B 560 -11.68 -3.39 16.83
CA LEU B 560 -11.26 -2.03 16.43
C LEU B 560 -10.68 -2.02 14.99
N LEU B 561 -9.74 -2.91 14.70
CA LEU B 561 -9.19 -3.03 13.36
C LEU B 561 -10.32 -3.14 12.32
N ALA B 562 -11.35 -3.96 12.60
CA ALA B 562 -12.39 -4.17 11.62
C ALA B 562 -13.20 -2.88 11.46
N ASP B 563 -13.41 -2.17 12.57
CA ASP B 563 -14.21 -0.96 12.53
C ASP B 563 -13.40 0.16 11.82
N LEU B 564 -12.08 0.24 12.00
CA LEU B 564 -11.24 1.28 11.29
C LEU B 564 -11.25 1.07 9.77
N PHE B 565 -11.06 -0.20 9.36
CA PHE B 565 -11.06 -0.66 7.97
C PHE B 565 -12.28 -1.54 7.68
N TYR B 566 -13.45 -0.91 7.60
CA TYR B 566 -14.77 -1.56 7.54
C TYR B 566 -15.24 -1.86 6.09
N LEU B 567 -16.19 -1.04 5.56
CA LEU B 567 -16.82 -1.27 4.27
C LEU B 567 -16.60 -0.05 3.39
N PRO B 568 -16.87 -0.14 2.07
CA PRO B 568 -16.51 0.94 1.15
C PRO B 568 -17.33 2.21 1.43
N TYR B 569 -18.53 2.05 2.02
CA TYR B 569 -19.50 3.13 2.08
C TYR B 569 -19.71 3.66 3.48
N GLU B 570 -19.26 2.94 4.51
CA GLU B 570 -19.34 3.43 5.89
C GLU B 570 -18.20 2.85 6.72
N HIS B 571 -17.82 3.56 7.80
CA HIS B 571 -16.93 3.00 8.84
C HIS B 571 -17.74 2.17 9.85
N GLY B 572 -17.03 1.44 10.70
CA GLY B 572 -17.65 0.68 11.74
C GLY B 572 -17.83 1.56 12.95
N PRO B 573 -18.59 1.09 13.97
CA PRO B 573 -19.00 1.92 15.08
C PRO B 573 -17.84 2.49 15.92
N LYS B 574 -16.82 1.67 16.21
CA LYS B 574 -15.71 2.15 17.03
C LYS B 574 -14.98 3.28 16.30
N GLY B 575 -14.98 3.22 14.96
CA GLY B 575 -14.23 4.16 14.12
C GLY B 575 -15.01 5.43 13.87
N ALA B 576 -16.31 5.24 13.63
CA ALA B 576 -17.24 6.31 13.42
C ALA B 576 -17.19 7.25 14.61
N GLN B 577 -17.07 6.70 15.83
CA GLN B 577 -17.17 7.47 17.07
C GLN B 577 -15.93 8.34 17.24
N MET B 578 -14.76 7.73 17.10
CA MET B 578 -13.48 8.44 17.19
C MET B 578 -13.50 9.69 16.31
N LEU B 579 -14.19 9.62 15.18
CA LEU B 579 -14.30 10.76 14.32
C LEU B 579 -15.24 11.82 14.95
N ARG B 580 -16.47 11.41 15.26
CA ARG B 580 -17.52 12.28 15.79
C ARG B 580 -16.96 13.09 16.94
N GLU B 581 -16.25 12.40 17.85
CA GLU B 581 -15.65 13.00 19.07
C GLU B 581 -14.55 13.98 18.68
N PHE B 582 -13.56 13.54 17.91
CA PHE B 582 -12.47 14.45 17.43
C PHE B 582 -13.08 15.73 16.84
N GLN B 583 -14.18 15.54 16.11
CA GLN B 583 -14.86 16.59 15.36
C GLN B 583 -15.55 17.56 16.32
N TRP B 584 -16.14 17.00 17.40
CA TRP B 584 -16.71 17.82 18.46
C TRP B 584 -15.61 18.67 19.12
N LEU B 585 -14.57 18.00 19.65
CA LEU B 585 -13.47 18.64 20.42
C LEU B 585 -12.84 19.79 19.62
N ARG B 586 -12.67 19.57 18.31
CA ARG B 586 -12.16 20.58 17.36
C ARG B 586 -13.06 21.82 17.33
N ALA B 587 -14.37 21.58 17.21
CA ALA B 587 -15.34 22.64 17.05
C ALA B 587 -15.60 23.36 18.39
N ASN B 588 -15.02 22.88 19.49
CA ASN B 588 -15.24 23.47 20.81
C ASN B 588 -13.91 23.89 21.49
N SER B 589 -12.77 23.78 20.79
CA SER B 589 -11.43 24.12 21.31
C SER B 589 -11.35 25.55 21.92
N SER B 590 -12.36 26.38 21.62
CA SER B 590 -12.40 27.77 22.03
C SER B 590 -12.77 27.87 23.51
N VAL B 591 -13.71 27.04 23.97
CA VAL B 591 -14.20 27.02 25.36
C VAL B 591 -13.04 26.94 26.37
N VAL B 592 -11.85 26.52 25.94
CA VAL B 592 -10.66 26.56 26.80
C VAL B 592 -9.53 27.27 26.03
N SER B 593 -9.33 28.55 26.37
CA SER B 593 -8.51 29.52 25.59
C SER B 593 -8.46 30.93 26.25
N VAL B 594 -8.24 30.98 27.59
CA VAL B 594 -8.31 32.17 28.57
C VAL B 594 -9.67 32.87 28.44
N ASN B 595 -9.93 33.50 27.27
CA ASN B 595 -11.23 34.04 26.75
C ASN B 595 -12.06 34.71 27.86
N CYS B 596 -13.41 34.68 27.74
CA CYS B 596 -14.37 35.19 28.75
C CYS B 596 -14.17 34.45 30.08
N LYS B 597 -13.30 35.00 30.96
CA LYS B 597 -12.85 34.45 32.28
C LYS B 597 -13.04 32.92 32.34
N GLY B 598 -14.22 32.50 32.79
CA GLY B 598 -14.69 31.10 32.72
C GLY B 598 -15.68 30.87 31.60
N LYS B 599 -16.57 31.85 31.35
CA LYS B 599 -17.69 31.77 30.39
C LYS B 599 -18.62 30.62 30.83
N ASP B 600 -18.05 29.48 31.26
CA ASP B 600 -18.77 28.40 31.93
C ASP B 600 -17.77 27.38 32.52
N SER B 601 -17.98 27.00 33.79
CA SER B 601 -17.08 26.09 34.56
C SER B 601 -17.37 24.63 34.28
N ALA B 602 -18.52 24.33 33.68
CA ALA B 602 -18.98 22.96 33.50
C ALA B 602 -19.04 22.60 32.01
N LYS B 603 -19.02 23.60 31.12
CA LYS B 603 -18.79 23.36 29.69
C LYS B 603 -17.34 22.89 29.50
N ILE B 604 -16.44 23.47 30.31
CA ILE B 604 -15.02 23.13 30.36
C ILE B 604 -14.81 21.72 30.91
N ALA B 605 -15.27 21.47 32.14
CA ALA B 605 -15.22 20.13 32.79
C ALA B 605 -15.58 18.97 31.83
N GLU B 606 -16.53 19.23 30.92
CA GLU B 606 -16.99 18.29 29.90
C GLU B 606 -15.89 18.14 28.82
N TRP B 607 -15.41 19.25 28.27
CA TRP B 607 -14.45 19.21 27.16
C TRP B 607 -13.16 18.53 27.58
N ARG B 608 -12.76 18.74 28.84
CA ARG B 608 -11.52 18.20 29.37
C ARG B 608 -11.72 16.72 29.60
N SER B 609 -12.88 16.36 30.16
CA SER B 609 -13.24 14.96 30.43
C SER B 609 -13.28 14.20 29.11
N ARG B 610 -13.90 14.85 28.12
CA ARG B 610 -14.28 14.24 26.85
C ARG B 610 -12.99 14.10 25.99
N ALA B 611 -12.04 15.02 26.19
CA ALA B 611 -10.73 15.03 25.53
C ALA B 611 -9.88 13.86 26.00
N ALA B 612 -9.99 13.52 27.28
CA ALA B 612 -9.10 12.58 27.85
C ALA B 612 -9.58 11.15 27.60
N LYS B 613 -10.85 10.95 27.25
CA LYS B 613 -11.31 9.62 26.80
C LYS B 613 -10.92 9.43 25.33
N PHE B 614 -10.70 10.54 24.62
CA PHE B 614 -10.25 10.51 23.22
C PHE B 614 -8.74 10.23 23.17
N GLU B 615 -8.03 10.79 24.14
CA GLU B 615 -6.62 10.57 24.25
C GLU B 615 -6.43 9.07 24.47
N GLU B 616 -7.29 8.51 25.32
CA GLU B 616 -7.21 7.14 25.76
C GLU B 616 -7.55 6.21 24.60
N MET B 617 -8.47 6.63 23.74
CA MET B 617 -9.00 5.77 22.69
C MET B 617 -7.98 5.67 21.55
N CYS B 618 -7.34 6.80 21.20
CA CYS B 618 -6.13 6.85 20.34
C CYS B 618 -5.09 5.84 20.83
N GLY B 619 -4.85 5.86 22.16
CA GLY B 619 -4.03 4.89 22.89
C GLY B 619 -4.23 3.45 22.43
N LEU B 620 -5.49 3.06 22.21
CA LEU B 620 -5.82 1.67 21.88
C LEU B 620 -5.57 1.39 20.40
N VAL B 621 -5.56 2.42 19.56
CA VAL B 621 -5.08 2.23 18.21
C VAL B 621 -3.59 1.88 18.26
N MET B 622 -2.80 2.66 19.02
CA MET B 622 -1.36 2.42 19.06
C MET B 622 -1.06 1.01 19.57
N GLY B 623 -1.84 0.54 20.55
CA GLY B 623 -1.71 -0.83 21.13
C GLY B 623 -2.07 -1.93 20.14
N MET B 624 -3.21 -1.76 19.49
CA MET B 624 -3.65 -2.66 18.45
C MET B 624 -2.48 -2.96 17.51
N PHE B 625 -1.75 -1.92 17.10
CA PHE B 625 -0.64 -2.09 16.15
C PHE B 625 0.50 -2.92 16.78
N THR B 626 0.86 -2.60 18.04
CA THR B 626 2.02 -3.21 18.75
C THR B 626 1.72 -4.70 19.00
N ARG B 627 0.48 -5.03 19.32
CA ARG B 627 0.21 -6.41 19.69
C ARG B 627 0.20 -7.26 18.42
N LEU B 628 -0.30 -6.66 17.33
CA LEU B 628 -0.26 -7.29 16.01
C LEU B 628 1.20 -7.49 15.58
N SER B 629 2.05 -6.51 15.91
CA SER B 629 3.41 -6.47 15.39
C SER B 629 4.37 -7.35 16.21
N ASN B 630 3.97 -7.74 17.43
CA ASN B 630 4.73 -8.65 18.34
C ASN B 630 4.23 -10.10 18.22
N CYS B 631 2.94 -10.27 17.97
CA CYS B 631 2.45 -11.61 17.80
C CYS B 631 3.38 -12.33 16.79
N ALA B 632 3.86 -13.51 17.21
CA ALA B 632 5.07 -14.17 16.72
C ALA B 632 5.00 -14.51 15.25
N ASN B 633 3.80 -14.73 14.70
CA ASN B 633 3.69 -15.03 13.30
C ASN B 633 3.08 -13.83 12.54
N ARG B 634 3.92 -13.06 11.84
CA ARG B 634 3.45 -11.74 11.33
C ARG B 634 2.88 -11.79 9.88
N THR B 635 2.49 -12.97 9.40
CA THR B 635 2.09 -13.08 8.00
C THR B 635 0.82 -12.27 7.75
N ILE B 636 -0.06 -12.16 8.75
CA ILE B 636 -1.30 -11.43 8.53
C ILE B 636 -0.99 -9.92 8.56
N LEU B 637 -0.26 -9.43 9.56
CA LEU B 637 0.01 -7.99 9.59
C LEU B 637 0.70 -7.61 8.28
N TYR B 638 1.77 -8.34 7.97
CA TYR B 638 2.66 -8.00 6.87
C TYR B 638 1.89 -7.82 5.56
N ASP B 639 0.86 -8.66 5.36
CA ASP B 639 0.08 -8.67 4.12
C ASP B 639 -0.73 -7.38 4.00
N MET B 640 -0.85 -6.60 5.09
CA MET B 640 -1.57 -5.34 5.04
C MET B 640 -0.87 -4.26 5.87
N TYR B 641 0.46 -4.33 5.95
CA TYR B 641 1.26 -3.47 6.84
C TYR B 641 1.04 -1.99 6.49
N SER B 642 1.20 -1.59 5.23
CA SER B 642 1.03 -0.15 4.80
C SER B 642 -0.25 0.47 5.38
N TYR B 643 -1.37 -0.27 5.28
CA TYR B 643 -2.71 0.23 5.64
C TYR B 643 -2.78 0.58 7.13
N VAL B 644 -2.18 -0.28 7.94
CA VAL B 644 -2.33 -0.26 9.39
C VAL B 644 -1.35 0.77 9.97
N TRP B 645 -0.22 0.92 9.29
CA TRP B 645 0.87 1.83 9.71
C TRP B 645 0.50 3.29 9.38
N ASP B 646 -0.41 3.49 8.42
CA ASP B 646 -0.88 4.81 8.07
C ASP B 646 -1.81 5.36 9.17
N ILE B 647 -2.78 4.54 9.61
CA ILE B 647 -3.80 5.03 10.56
C ILE B 647 -3.15 5.23 11.93
N LYS B 648 -2.27 4.30 12.29
CA LYS B 648 -1.64 4.40 13.55
C LYS B 648 -0.74 5.63 13.54
N SER B 649 -0.06 5.88 12.41
CA SER B 649 0.78 7.07 12.28
C SER B 649 -0.07 8.32 12.55
N ILE B 650 -1.18 8.44 11.82
CA ILE B 650 -1.93 9.69 11.81
C ILE B 650 -2.57 9.88 13.20
N MET B 651 -3.05 8.80 13.83
CA MET B 651 -3.61 8.88 15.19
C MET B 651 -2.57 9.39 16.18
N SER B 652 -1.32 8.99 16.01
CA SER B 652 -0.30 9.49 16.90
C SER B 652 -0.33 11.02 16.88
N MET B 653 -0.43 11.59 15.67
CA MET B 653 -0.40 13.04 15.46
C MET B 653 -1.73 13.68 15.90
N VAL B 654 -2.85 12.98 15.69
CA VAL B 654 -4.19 13.47 16.11
C VAL B 654 -4.24 13.55 17.65
N LYS B 655 -3.69 12.56 18.36
CA LYS B 655 -3.62 12.59 19.83
C LYS B 655 -2.82 13.81 20.29
N SER B 656 -1.66 14.00 19.66
CA SER B 656 -0.78 15.09 19.99
C SER B 656 -1.46 16.46 19.76
N PHE B 657 -2.35 16.54 18.77
CA PHE B 657 -3.09 17.78 18.44
C PHE B 657 -4.10 18.09 19.54
N VAL B 658 -4.91 17.10 19.93
CA VAL B 658 -5.97 17.26 20.94
C VAL B 658 -5.35 17.74 22.24
N GLN B 659 -4.13 17.26 22.53
CA GLN B 659 -3.37 17.66 23.70
C GLN B 659 -3.03 19.17 23.61
N TRP B 660 -2.39 19.57 22.51
CA TRP B 660 -2.07 20.96 22.17
C TRP B 660 -3.29 21.90 22.33
N LEU B 661 -4.49 21.38 22.03
CA LEU B 661 -5.74 22.16 22.05
C LEU B 661 -6.11 22.51 23.50
N GLY B 662 -5.70 21.64 24.44
CA GLY B 662 -5.94 21.82 25.88
C GLY B 662 -5.08 22.91 26.52
N CYS B 663 -4.08 23.43 25.78
CA CYS B 663 -2.94 24.20 26.33
C CYS B 663 -2.69 25.51 25.58
N ARG B 664 -3.63 25.92 24.72
CA ARG B 664 -3.38 26.97 23.72
C ARG B 664 -3.84 28.35 24.24
N SER B 665 -4.03 28.48 25.57
CA SER B 665 -4.52 29.71 26.22
C SER B 665 -3.36 30.63 26.60
N HIS B 666 -2.23 30.04 27.05
CA HIS B 666 -1.02 30.78 27.53
C HIS B 666 0.16 30.59 26.57
N SER B 667 -0.13 30.03 25.39
CA SER B 667 0.73 30.09 24.22
C SER B 667 -0.11 30.46 22.99
N SER B 668 0.53 31.11 21.99
CA SER B 668 -0.11 31.46 20.69
C SER B 668 0.68 30.90 19.51
N ALA B 669 1.53 29.90 19.76
CA ALA B 669 2.33 29.24 18.74
C ALA B 669 1.40 28.38 17.88
N GLN B 670 2.03 27.54 17.05
CA GLN B 670 1.34 26.68 16.11
C GLN B 670 1.70 25.23 16.42
N PHE B 671 0.85 24.31 15.94
CA PHE B 671 0.99 22.87 16.23
C PHE B 671 2.02 22.20 15.31
N LEU B 672 3.03 21.51 15.86
CA LEU B 672 4.20 21.32 15.01
C LEU B 672 4.77 19.89 14.93
N ILE B 673 4.99 19.19 16.06
CA ILE B 673 5.63 17.82 16.00
C ILE B 673 7.07 17.88 15.42
N GLY B 674 8.07 17.98 16.31
CA GLY B 674 9.49 18.01 15.92
C GLY B 674 9.72 18.96 14.75
N ASP B 675 9.02 20.10 14.79
CA ASP B 675 9.24 21.23 13.89
C ASP B 675 8.82 20.97 12.45
N GLN B 676 8.17 19.83 12.15
CA GLN B 676 8.05 19.39 10.76
C GLN B 676 6.59 19.59 10.29
N GLU B 677 5.58 19.31 11.12
CA GLU B 677 4.15 19.32 10.63
C GLU B 677 3.96 18.30 9.50
N PRO B 678 4.29 17.00 9.73
CA PRO B 678 4.45 16.03 8.66
C PRO B 678 3.18 15.43 8.04
N TRP B 679 2.04 15.52 8.72
CA TRP B 679 0.76 15.01 8.18
C TRP B 679 0.44 15.66 6.83
N ALA B 680 1.16 16.74 6.48
CA ALA B 680 0.92 17.52 5.24
C ALA B 680 1.35 16.73 3.99
N PHE B 681 2.29 15.80 4.13
CA PHE B 681 2.89 15.08 3.00
C PHE B 681 2.20 13.75 2.69
N ARG B 682 1.17 13.38 3.46
CA ARG B 682 0.57 12.05 3.36
C ARG B 682 0.10 11.87 1.92
N GLY B 683 0.51 10.76 1.31
CA GLY B 683 0.14 10.40 -0.09
C GLY B 683 1.17 10.88 -1.09
N GLY B 684 2.11 11.70 -0.58
CA GLY B 684 2.99 12.54 -1.39
C GLY B 684 2.21 13.24 -2.47
N LEU B 685 2.66 13.12 -3.73
CA LEU B 685 2.12 13.95 -4.78
C LEU B 685 0.74 13.42 -5.13
N ALA B 686 0.61 12.09 -5.20
CA ALA B 686 -0.68 11.46 -5.48
C ALA B 686 -1.78 12.17 -4.68
N GLY B 687 -1.48 12.40 -3.39
CA GLY B 687 -2.41 12.93 -2.43
C GLY B 687 -2.59 14.41 -2.60
N GLU B 688 -1.50 15.14 -2.90
CA GLU B 688 -1.51 16.64 -3.08
C GLU B 688 -2.59 16.98 -4.10
N PHE B 689 -2.63 16.19 -5.19
CA PHE B 689 -3.59 16.34 -6.30
C PHE B 689 -5.02 16.08 -5.81
N GLN B 690 -5.22 15.00 -5.07
CA GLN B 690 -6.53 14.63 -4.62
C GLN B 690 -7.08 15.67 -3.64
N ARG B 691 -6.21 16.39 -2.95
CA ARG B 691 -6.69 17.30 -1.92
C ARG B 691 -7.23 18.58 -2.55
N LEU B 692 -7.05 18.74 -3.87
CA LEU B 692 -7.54 19.93 -4.58
C LEU B 692 -8.89 19.65 -5.23
N LEU B 693 -9.25 18.39 -5.37
CA LEU B 693 -10.52 18.05 -5.99
C LEU B 693 -11.63 18.66 -5.13
N PRO B 694 -12.85 18.89 -5.68
CA PRO B 694 -13.89 19.65 -4.99
C PRO B 694 -14.35 19.11 -3.63
N ILE B 695 -14.53 20.01 -2.65
CA ILE B 695 -15.17 19.65 -1.35
C ILE B 695 -16.46 20.46 -1.11
N ASP B 696 -17.45 19.83 -0.47
CA ASP B 696 -18.63 20.48 0.09
C ASP B 696 -18.34 20.90 1.54
N GLY B 697 -18.26 22.21 1.76
CA GLY B 697 -17.99 22.82 3.07
C GLY B 697 -16.52 23.15 3.31
N ALA B 698 -16.30 24.16 4.16
CA ALA B 698 -15.00 24.44 4.84
C ALA B 698 -15.27 25.04 6.24
N ASN B 699 -16.34 24.51 6.86
CA ASN B 699 -16.76 24.77 8.27
C ASN B 699 -15.74 24.19 9.25
N ASP B 700 -14.89 23.26 8.77
CA ASP B 700 -14.01 22.46 9.57
C ASP B 700 -12.61 23.06 9.49
N LEU B 701 -11.66 22.32 8.93
CA LEU B 701 -10.38 22.85 8.44
C LEU B 701 -9.41 23.14 9.61
N PHE B 702 -9.79 24.06 10.51
CA PHE B 702 -8.91 24.59 11.55
C PHE B 702 -7.61 25.08 10.90
N PHE B 703 -7.58 26.35 10.50
CA PHE B 703 -6.40 26.94 9.90
C PHE B 703 -5.34 27.06 11.00
N GLN B 704 -4.08 27.30 10.63
CA GLN B 704 -2.99 27.36 11.62
C GLN B 704 -2.40 28.78 11.72
N PRO B 705 -2.11 29.26 12.96
CA PRO B 705 -1.47 30.57 13.19
C PRO B 705 -0.04 30.79 12.69
N PRO B 706 0.29 31.90 11.99
CA PRO B 706 1.64 32.10 11.42
C PRO B 706 2.77 32.49 12.40
#